data_3MUN
#
_entry.id   3MUN
#
_cell.length_a   108.140
_cell.length_b   108.140
_cell.length_c   147.300
_cell.angle_alpha   90.00
_cell.angle_beta   90.00
_cell.angle_gamma   120.00
#
_symmetry.space_group_name_H-M   'P 31 2 1'
#
loop_
_entity.id
_entity.type
_entity.pdbx_description
1 polymer 'Prolyl endopeptidase'
2 branched beta-D-fructofuranose-(2-1)-alpha-D-glucopyranose
3 non-polymer 'SULFATE ION'
4 non-polymer GLYCEROL
5 water water
#
_entity_poly.entity_id   1
_entity_poly.type   'polypeptide(L)'
_entity_poly.pdbx_seq_one_letter_code
;GSHMSGKARLHYPVTRQGEQVDHYFGQAVADPYRWLEDDRSPETEAWVKAQNAVTQDYLAQIPYRAAIKEKLAASWNYAK
EGAPFWWGRYHYFFKNDGLQNQNVLWRQQEGKPAEVFLDPNTLSPDGTTALDQLSFSRDGRILAYSLSLAGSDWREIHLM
DVESKQPLETPLKDVKFSGISWLGNEGFFYSSYDKPDGSELSARTDQHKVYFHRLGTAQEDDRLVFGAIPAQHHRYVGAT
VTEDQRFLLISAANSTSGNRLYVKDLSQENAPLLTVQGDLDADVSLVDNKGSTLYLLTNRDAPNRRLVTVDAANPGPAHW
RDLIPERQQVLTVHSGSGYLFAEYMVDATARVEQFDYEGKRVREVALPGLGSVSGFNGYWWDPALYFGFENYAQPPTLYR
FEPKSGAISLYRASAAPFKPEDYVSEQRFYQSKDGTRVPLIISYRKGLKLDGSNPTILYGYGGFDVSLTPSFSVSVANWL
DLGGVYAVANLRGGGEYGQAWHLAGTQQNKQNVFDDFIAAAEYLKAEGYTRTDRLAIRGGSNGGLLVGAVMTQRPDLMRV
ALPAVGVLDMLRYHTFTAGTGWAYDYGTSADSEAMFDYLKGYSPLHNVRPGVSYPSTMVTTADHDDRVVPAHSFKFAATL
QADNAGPHPQLIRIETNAGHGAGTPVAKLIEQSADIYAFTLYEMGYRELPRQP
;
_entity_poly.pdbx_strand_id   A
#
# COMPACT_ATOMS: atom_id res chain seq x y z
N LEU A 10 21.47 25.15 -12.81
CA LEU A 10 20.07 24.91 -13.23
C LEU A 10 19.17 26.04 -12.76
N HIS A 11 18.17 26.37 -13.57
CA HIS A 11 17.23 27.44 -13.23
C HIS A 11 15.85 26.86 -12.97
N TYR A 12 15.34 27.07 -11.77
CA TYR A 12 14.01 26.57 -11.42
C TYR A 12 12.93 27.47 -11.99
N PRO A 13 11.78 26.89 -12.36
CA PRO A 13 10.71 27.73 -12.90
C PRO A 13 10.36 28.76 -11.83
N VAL A 14 9.90 29.93 -12.24
CA VAL A 14 9.52 30.96 -11.28
C VAL A 14 8.23 30.51 -10.59
N THR A 15 8.24 30.48 -9.25
CA THR A 15 7.04 30.09 -8.51
C THR A 15 6.54 31.28 -7.69
N ARG A 16 5.43 31.83 -8.13
CA ARG A 16 4.77 32.98 -7.51
C ARG A 16 4.44 32.73 -6.04
N GLN A 17 4.52 33.77 -5.22
CA GLN A 17 4.19 33.67 -3.81
C GLN A 17 2.94 34.47 -3.50
N GLY A 18 1.86 33.79 -3.14
CA GLY A 18 0.60 34.47 -2.83
C GLY A 18 0.54 35.07 -1.43
N GLU A 19 -0.59 35.67 -1.09
CA GLU A 19 -0.76 36.31 0.22
C GLU A 19 -1.62 35.54 1.22
N GLN A 20 -1.91 34.29 0.92
CA GLN A 20 -2.74 33.47 1.81
C GLN A 20 -2.13 33.32 3.20
N VAL A 21 -2.95 33.52 4.22
CA VAL A 21 -2.52 33.38 5.61
C VAL A 21 -3.59 32.61 6.35
N ASP A 22 -3.22 31.50 6.98
CA ASP A 22 -4.17 30.70 7.73
C ASP A 22 -3.99 30.96 9.21
N HIS A 23 -5.03 30.68 10.00
CA HIS A 23 -4.96 30.88 11.43
C HIS A 23 -5.35 29.61 12.16
N TYR A 24 -4.59 29.27 13.20
CA TYR A 24 -4.83 28.08 13.99
C TYR A 24 -4.91 28.53 15.44
N PHE A 25 -6.12 28.52 15.99
CA PHE A 25 -6.35 28.98 17.36
C PHE A 25 -5.82 30.40 17.50
N GLY A 26 -6.04 31.20 16.46
CA GLY A 26 -5.59 32.58 16.47
C GLY A 26 -4.19 32.83 15.98
N GLN A 27 -3.39 31.78 15.85
CA GLN A 27 -2.01 31.94 15.40
C GLN A 27 -1.92 31.91 13.89
N ALA A 28 -1.31 32.95 13.32
CA ALA A 28 -1.18 33.07 11.86
C ALA A 28 -0.04 32.24 11.30
N VAL A 29 -0.28 31.62 10.15
CA VAL A 29 0.72 30.80 9.45
C VAL A 29 0.59 31.14 7.97
N ALA A 30 1.66 31.64 7.34
CA ALA A 30 1.58 31.99 5.93
C ALA A 30 1.67 30.76 5.02
N ASP A 31 0.96 30.81 3.89
CA ASP A 31 0.97 29.72 2.90
C ASP A 31 1.07 30.32 1.50
N PRO A 32 2.27 30.80 1.14
CA PRO A 32 2.52 31.42 -0.17
C PRO A 32 2.25 30.57 -1.42
N TYR A 33 2.23 29.24 -1.27
CA TYR A 33 1.98 28.40 -2.44
C TYR A 33 0.62 27.72 -2.41
N ARG A 34 -0.30 28.36 -1.69
CA ARG A 34 -1.67 27.88 -1.56
C ARG A 34 -2.31 27.66 -2.93
N TRP A 35 -2.00 28.55 -3.88
CA TRP A 35 -2.58 28.42 -5.21
C TRP A 35 -2.29 27.09 -5.91
N LEU A 36 -1.21 26.43 -5.54
CA LEU A 36 -0.87 25.14 -6.15
C LEU A 36 -1.84 24.04 -5.70
N GLU A 37 -2.71 24.36 -4.74
CA GLU A 37 -3.70 23.40 -4.27
C GLU A 37 -4.84 23.25 -5.29
N ASP A 38 -4.96 24.23 -6.19
CA ASP A 38 -5.99 24.21 -7.22
C ASP A 38 -5.47 23.38 -8.39
N ASP A 39 -5.78 22.09 -8.37
CA ASP A 39 -5.33 21.17 -9.40
C ASP A 39 -5.89 21.41 -10.79
N ARG A 40 -6.97 22.19 -10.90
CA ARG A 40 -7.57 22.45 -12.21
C ARG A 40 -7.25 23.80 -12.84
N SER A 41 -6.50 24.67 -12.14
CA SER A 41 -6.18 25.98 -12.70
C SER A 41 -5.10 25.87 -13.76
N PRO A 42 -5.15 26.74 -14.78
CA PRO A 42 -4.15 26.73 -15.86
C PRO A 42 -2.76 27.05 -15.30
N GLU A 43 -2.75 27.85 -14.24
CA GLU A 43 -1.51 28.25 -13.59
C GLU A 43 -0.78 27.06 -12.97
N THR A 44 -1.53 26.20 -12.29
CA THR A 44 -0.94 25.02 -11.67
C THR A 44 -0.45 24.04 -12.73
N GLU A 45 -1.24 23.84 -13.78
CA GLU A 45 -0.87 22.92 -14.85
C GLU A 45 0.37 23.39 -15.61
N ALA A 46 0.54 24.71 -15.73
CA ALA A 46 1.71 25.27 -16.40
C ALA A 46 2.95 25.05 -15.54
N TRP A 47 2.79 25.20 -14.23
CA TRP A 47 3.89 25.00 -13.29
C TRP A 47 4.38 23.54 -13.36
N VAL A 48 3.44 22.59 -13.38
CA VAL A 48 3.78 21.17 -13.46
C VAL A 48 4.61 20.87 -14.72
N LYS A 49 4.16 21.43 -15.84
CA LYS A 49 4.85 21.24 -17.12
C LYS A 49 6.26 21.85 -17.06
N ALA A 50 6.38 23.04 -16.48
CA ALA A 50 7.69 23.69 -16.37
C ALA A 50 8.63 22.93 -15.45
N GLN A 51 8.10 22.41 -14.34
CA GLN A 51 8.92 21.64 -13.41
C GLN A 51 9.42 20.35 -14.06
N ASN A 52 8.52 19.61 -14.71
CA ASN A 52 8.92 18.37 -15.37
C ASN A 52 10.01 18.60 -16.42
N ALA A 53 9.91 19.72 -17.14
CA ALA A 53 10.90 20.04 -18.16
C ALA A 53 12.27 20.25 -17.53
N VAL A 54 12.33 20.97 -16.42
CA VAL A 54 13.60 21.21 -15.73
C VAL A 54 14.18 19.90 -15.21
N THR A 55 13.32 19.05 -14.65
CA THR A 55 13.75 17.77 -14.14
C THR A 55 14.29 16.87 -15.26
N GLN A 56 13.56 16.78 -16.36
CA GLN A 56 14.00 15.95 -17.48
C GLN A 56 15.31 16.47 -18.09
N ASP A 57 15.46 17.79 -18.12
CA ASP A 57 16.68 18.39 -18.64
C ASP A 57 17.85 18.01 -17.75
N TYR A 58 17.63 18.02 -16.44
CA TYR A 58 18.68 17.69 -15.49
C TYR A 58 19.06 16.21 -15.65
N LEU A 59 18.05 15.34 -15.66
CA LEU A 59 18.29 13.91 -15.80
C LEU A 59 18.97 13.55 -17.12
N ALA A 60 18.73 14.35 -18.15
CA ALA A 60 19.31 14.10 -19.47
C ALA A 60 20.83 14.22 -19.51
N GLN A 61 21.40 14.91 -18.52
CA GLN A 61 22.85 15.08 -18.47
C GLN A 61 23.56 13.88 -17.84
N ILE A 62 22.80 12.96 -17.25
CA ILE A 62 23.40 11.80 -16.60
C ILE A 62 23.71 10.74 -17.67
N PRO A 63 25.01 10.50 -17.94
CA PRO A 63 25.50 9.55 -18.93
C PRO A 63 25.04 8.10 -18.86
N TYR A 64 24.77 7.59 -17.67
CA TYR A 64 24.35 6.20 -17.54
C TYR A 64 22.86 5.98 -17.25
N ARG A 65 22.02 7.00 -17.42
CA ARG A 65 20.59 6.78 -17.15
C ARG A 65 19.98 5.78 -18.12
N ALA A 66 20.35 5.88 -19.40
CA ALA A 66 19.83 4.97 -20.41
C ALA A 66 20.28 3.53 -20.12
N ALA A 67 21.53 3.37 -19.67
CA ALA A 67 22.06 2.05 -19.35
C ALA A 67 21.28 1.41 -18.20
N ILE A 68 20.96 2.21 -17.19
CA ILE A 68 20.21 1.69 -16.04
C ILE A 68 18.83 1.24 -16.51
N LYS A 69 18.20 2.06 -17.35
CA LYS A 69 16.88 1.72 -17.86
C LYS A 69 16.91 0.42 -18.67
N GLU A 70 17.92 0.25 -19.52
CA GLU A 70 18.02 -0.95 -20.32
C GLU A 70 18.33 -2.18 -19.46
N LYS A 71 19.14 -1.98 -18.43
CA LYS A 71 19.49 -3.07 -17.53
C LYS A 71 18.21 -3.54 -16.81
N LEU A 72 17.42 -2.57 -16.33
CA LEU A 72 16.17 -2.86 -15.64
C LEU A 72 15.20 -3.60 -16.55
N ALA A 73 14.96 -3.06 -17.75
CA ALA A 73 14.04 -3.68 -18.67
C ALA A 73 14.43 -5.11 -19.03
N ALA A 74 15.70 -5.33 -19.33
CA ALA A 74 16.16 -6.67 -19.68
C ALA A 74 15.98 -7.66 -18.53
N SER A 75 16.30 -7.25 -17.31
CA SER A 75 16.17 -8.15 -16.16
C SER A 75 14.70 -8.39 -15.77
N TRP A 76 13.83 -7.45 -16.10
CA TRP A 76 12.40 -7.52 -15.79
C TRP A 76 11.69 -8.43 -16.78
N ASN A 77 12.28 -8.59 -17.95
CA ASN A 77 11.69 -9.37 -19.04
C ASN A 77 11.73 -10.89 -18.90
N TYR A 78 10.87 -11.44 -18.03
CA TYR A 78 10.77 -12.89 -17.83
C TYR A 78 9.33 -13.26 -17.49
N ALA A 79 8.93 -14.48 -17.84
CA ALA A 79 7.55 -14.91 -17.59
C ALA A 79 7.20 -14.97 -16.12
N LYS A 80 6.01 -14.48 -15.79
CA LYS A 80 5.53 -14.49 -14.40
C LYS A 80 4.13 -15.10 -14.42
N GLU A 81 3.78 -15.80 -13.35
CA GLU A 81 2.45 -16.43 -13.28
C GLU A 81 1.96 -16.51 -11.85
N GLY A 82 0.68 -16.24 -11.66
CA GLY A 82 0.11 -16.29 -10.32
C GLY A 82 -0.52 -17.63 -10.01
N ALA A 83 -0.99 -17.79 -8.77
CA ALA A 83 -1.62 -19.03 -8.33
C ALA A 83 -2.99 -19.15 -8.99
N PRO A 84 -3.35 -20.36 -9.42
CA PRO A 84 -4.66 -20.54 -10.06
C PRO A 84 -5.82 -20.52 -9.08
N PHE A 85 -6.99 -20.15 -9.57
CA PHE A 85 -8.20 -20.16 -8.75
C PHE A 85 -9.33 -20.70 -9.62
N TRP A 86 -10.12 -21.57 -9.04
CA TRP A 86 -11.20 -22.23 -9.76
C TRP A 86 -12.57 -21.62 -9.51
N TRP A 87 -13.35 -21.53 -10.57
CA TRP A 87 -14.70 -21.01 -10.50
C TRP A 87 -15.42 -21.40 -11.78
N GLY A 88 -16.58 -22.05 -11.65
CA GLY A 88 -17.28 -22.50 -12.83
C GLY A 88 -16.44 -23.64 -13.41
N ARG A 89 -16.51 -23.84 -14.73
CA ARG A 89 -15.75 -24.91 -15.37
C ARG A 89 -14.32 -24.51 -15.72
N TYR A 90 -13.88 -23.36 -15.24
CA TYR A 90 -12.54 -22.88 -15.56
C TYR A 90 -11.65 -22.62 -14.36
N HIS A 91 -10.34 -22.75 -14.59
CA HIS A 91 -9.35 -22.42 -13.59
C HIS A 91 -8.79 -21.11 -14.16
N TYR A 92 -8.74 -20.07 -13.34
CA TYR A 92 -8.24 -18.77 -13.77
C TYR A 92 -6.87 -18.49 -13.17
N PHE A 93 -6.05 -17.75 -13.90
CA PHE A 93 -4.72 -17.40 -13.43
C PHE A 93 -4.13 -16.22 -14.20
N PHE A 94 -3.40 -15.38 -13.49
CA PHE A 94 -2.77 -14.22 -14.11
C PHE A 94 -1.41 -14.59 -14.65
N LYS A 95 -1.03 -13.94 -15.75
CA LYS A 95 0.28 -14.18 -16.37
C LYS A 95 0.78 -12.90 -17.02
N ASN A 96 2.10 -12.80 -17.16
CA ASN A 96 2.73 -11.67 -17.84
C ASN A 96 3.90 -12.34 -18.56
N ASP A 97 3.92 -12.29 -19.88
CA ASP A 97 5.02 -12.93 -20.59
C ASP A 97 6.34 -12.23 -20.38
N GLY A 98 6.33 -11.09 -19.67
CA GLY A 98 7.56 -10.38 -19.41
C GLY A 98 7.44 -8.89 -19.15
N LEU A 99 7.16 -8.14 -20.21
CA LEU A 99 7.04 -6.70 -20.10
C LEU A 99 5.65 -6.15 -20.43
N GLN A 100 4.62 -6.96 -20.28
CA GLN A 100 3.28 -6.46 -20.54
C GLN A 100 2.99 -5.46 -19.43
N ASN A 101 2.45 -4.30 -19.79
CA ASN A 101 2.18 -3.26 -18.80
C ASN A 101 1.30 -3.71 -17.64
N GLN A 102 0.30 -4.53 -17.92
CA GLN A 102 -0.62 -5.05 -16.91
C GLN A 102 -0.66 -6.57 -17.03
N ASN A 103 -0.82 -7.27 -15.89
CA ASN A 103 -0.90 -8.73 -15.95
C ASN A 103 -2.19 -9.13 -16.65
N VAL A 104 -2.14 -10.24 -17.38
CA VAL A 104 -3.29 -10.71 -18.14
C VAL A 104 -4.00 -11.89 -17.46
N LEU A 105 -5.32 -11.87 -17.47
CA LEU A 105 -6.10 -12.95 -16.85
C LEU A 105 -6.41 -14.02 -17.90
N TRP A 106 -5.88 -15.21 -17.66
CA TRP A 106 -6.07 -16.37 -18.52
C TRP A 106 -7.00 -17.33 -17.81
N ARG A 107 -7.50 -18.33 -18.55
CA ARG A 107 -8.35 -19.35 -17.98
C ARG A 107 -8.18 -20.61 -18.81
N GLN A 108 -8.58 -21.74 -18.23
CA GLN A 108 -8.44 -23.01 -18.94
C GLN A 108 -9.38 -24.04 -18.34
N GLN A 109 -10.00 -24.84 -19.21
CA GLN A 109 -10.89 -25.88 -18.74
C GLN A 109 -10.28 -27.20 -19.18
N GLU A 110 -10.49 -28.24 -18.39
CA GLU A 110 -9.95 -29.56 -18.68
C GLU A 110 -10.19 -29.98 -20.13
N GLY A 111 -9.18 -30.60 -20.73
CA GLY A 111 -9.30 -31.07 -22.11
C GLY A 111 -9.16 -30.00 -23.18
N LYS A 112 -8.71 -28.81 -22.78
CA LYS A 112 -8.54 -27.73 -23.74
C LYS A 112 -7.36 -26.83 -23.35
N PRO A 113 -6.77 -26.14 -24.34
CA PRO A 113 -5.64 -25.26 -24.08
C PRO A 113 -6.08 -23.97 -23.39
N ALA A 114 -5.16 -23.36 -22.64
CA ALA A 114 -5.46 -22.11 -21.94
C ALA A 114 -5.74 -21.00 -22.95
N GLU A 115 -6.54 -20.03 -22.54
CA GLU A 115 -6.89 -18.92 -23.40
C GLU A 115 -6.92 -17.62 -22.62
N VAL A 116 -6.69 -16.50 -23.30
CA VAL A 116 -6.73 -15.19 -22.67
C VAL A 116 -8.20 -14.89 -22.39
N PHE A 117 -8.51 -14.50 -21.16
CA PHE A 117 -9.89 -14.20 -20.78
C PHE A 117 -10.15 -12.70 -20.67
N LEU A 118 -9.27 -11.99 -19.95
CA LEU A 118 -9.40 -10.55 -19.78
C LEU A 118 -8.01 -9.91 -19.83
N ASP A 119 -7.74 -9.17 -20.91
CA ASP A 119 -6.45 -8.52 -21.11
C ASP A 119 -6.53 -7.00 -20.90
N PRO A 120 -6.16 -6.51 -19.71
CA PRO A 120 -6.21 -5.07 -19.40
C PRO A 120 -5.37 -4.21 -20.35
N ASN A 121 -4.39 -4.82 -21.02
CA ASN A 121 -3.55 -4.09 -21.96
C ASN A 121 -4.31 -3.67 -23.21
N THR A 122 -5.49 -4.26 -23.43
CA THR A 122 -6.29 -3.87 -24.58
C THR A 122 -7.36 -2.87 -24.16
N LEU A 123 -7.31 -2.39 -22.92
CA LEU A 123 -8.32 -1.44 -22.44
C LEU A 123 -7.90 0.04 -22.41
N SER A 124 -6.65 0.32 -22.77
CA SER A 124 -6.20 1.72 -22.80
C SER A 124 -5.03 1.81 -23.78
N PRO A 125 -4.71 3.02 -24.25
CA PRO A 125 -3.62 3.23 -25.21
C PRO A 125 -2.23 3.17 -24.56
N ASP A 126 -2.17 3.42 -23.26
CA ASP A 126 -0.90 3.46 -22.56
C ASP A 126 -0.77 2.50 -21.38
N GLY A 127 -1.68 1.55 -21.29
CA GLY A 127 -1.65 0.59 -20.20
C GLY A 127 -1.92 1.23 -18.84
N THR A 128 -2.60 2.37 -18.83
CA THR A 128 -2.90 3.05 -17.57
C THR A 128 -4.23 2.69 -16.94
N THR A 129 -4.96 1.77 -17.56
CA THR A 129 -6.22 1.31 -16.99
C THR A 129 -5.90 -0.03 -16.34
N ALA A 130 -6.15 -0.15 -15.05
CA ALA A 130 -5.84 -1.38 -14.35
C ALA A 130 -7.04 -2.08 -13.72
N LEU A 131 -6.96 -3.40 -13.70
CA LEU A 131 -7.99 -4.27 -13.15
C LEU A 131 -7.77 -4.41 -11.65
N ASP A 132 -8.78 -4.09 -10.86
CA ASP A 132 -8.65 -4.19 -9.41
C ASP A 132 -9.42 -5.39 -8.83
N GLN A 133 -10.69 -5.21 -8.46
CA GLN A 133 -11.47 -6.31 -7.90
C GLN A 133 -12.09 -7.21 -8.96
N LEU A 134 -12.17 -8.49 -8.65
CA LEU A 134 -12.74 -9.51 -9.54
C LEU A 134 -13.75 -10.30 -8.70
N SER A 135 -15.00 -10.38 -9.14
CA SER A 135 -15.99 -11.12 -8.36
C SER A 135 -17.03 -11.83 -9.24
N PHE A 136 -17.01 -13.16 -9.22
CA PHE A 136 -17.94 -13.97 -10.01
C PHE A 136 -19.29 -14.21 -9.30
N SER A 137 -20.37 -14.27 -10.07
CA SER A 137 -21.68 -14.55 -9.51
C SER A 137 -21.60 -16.00 -9.01
N ARG A 138 -22.51 -16.40 -8.12
CA ARG A 138 -22.45 -17.77 -7.59
C ARG A 138 -22.49 -18.86 -8.65
N ASP A 139 -23.33 -18.71 -9.68
CA ASP A 139 -23.40 -19.73 -10.72
C ASP A 139 -22.21 -19.65 -11.68
N GLY A 140 -21.31 -18.69 -11.42
CA GLY A 140 -20.13 -18.53 -12.26
C GLY A 140 -20.37 -18.07 -13.69
N ARG A 141 -21.60 -17.63 -13.99
CA ARG A 141 -21.92 -17.18 -15.34
C ARG A 141 -21.72 -15.68 -15.57
N ILE A 142 -21.65 -14.90 -14.49
CA ILE A 142 -21.44 -13.47 -14.63
C ILE A 142 -20.24 -12.99 -13.82
N LEU A 143 -19.50 -12.05 -14.38
CA LEU A 143 -18.33 -11.51 -13.69
C LEU A 143 -18.46 -10.00 -13.50
N ALA A 144 -18.22 -9.54 -12.28
CA ALA A 144 -18.23 -8.13 -11.97
C ALA A 144 -16.77 -7.81 -11.62
N TYR A 145 -16.22 -6.78 -12.24
CA TYR A 145 -14.84 -6.41 -11.95
C TYR A 145 -14.70 -4.90 -11.94
N SER A 146 -13.78 -4.39 -11.12
CA SER A 146 -13.59 -2.96 -11.05
C SER A 146 -12.31 -2.54 -11.75
N LEU A 147 -12.37 -1.40 -12.42
CA LEU A 147 -11.23 -0.86 -13.14
C LEU A 147 -10.84 0.50 -12.60
N SER A 148 -9.54 0.78 -12.64
CA SER A 148 -9.00 2.06 -12.20
C SER A 148 -8.51 2.77 -13.45
N LEU A 149 -8.87 4.05 -13.59
CA LEU A 149 -8.43 4.83 -14.74
C LEU A 149 -7.35 5.81 -14.33
N ALA A 150 -6.20 5.76 -15.01
CA ALA A 150 -5.08 6.65 -14.74
C ALA A 150 -4.54 6.49 -13.32
N GLY A 151 -4.84 5.37 -12.68
CA GLY A 151 -4.34 5.10 -11.34
C GLY A 151 -5.01 5.77 -10.15
N SER A 152 -6.11 6.47 -10.36
CA SER A 152 -6.77 7.13 -9.23
C SER A 152 -7.54 6.11 -8.38
N ASP A 153 -7.90 6.49 -7.15
CA ASP A 153 -8.64 5.59 -6.25
C ASP A 153 -10.07 5.33 -6.71
N TRP A 154 -10.61 6.20 -7.56
CA TRP A 154 -11.96 5.99 -8.06
C TRP A 154 -12.04 4.74 -8.92
N ARG A 155 -13.23 4.16 -9.00
CA ARG A 155 -13.43 2.94 -9.77
C ARG A 155 -14.73 2.92 -10.54
N GLU A 156 -14.78 2.02 -11.51
CA GLU A 156 -15.97 1.75 -12.30
C GLU A 156 -16.10 0.23 -12.22
N ILE A 157 -17.30 -0.27 -11.99
CA ILE A 157 -17.52 -1.71 -11.94
C ILE A 157 -18.17 -2.11 -13.26
N HIS A 158 -17.52 -3.04 -13.96
CA HIS A 158 -17.99 -3.53 -15.25
C HIS A 158 -18.57 -4.94 -15.09
N LEU A 159 -19.53 -5.28 -15.95
CA LEU A 159 -20.15 -6.59 -15.93
C LEU A 159 -19.87 -7.30 -17.25
N MET A 160 -19.64 -8.60 -17.18
CA MET A 160 -19.33 -9.40 -18.36
C MET A 160 -19.95 -10.79 -18.29
N ASP A 161 -20.43 -11.30 -19.41
CA ASP A 161 -20.97 -12.65 -19.47
C ASP A 161 -19.71 -13.50 -19.47
N VAL A 162 -19.57 -14.41 -18.51
CA VAL A 162 -18.36 -15.21 -18.41
C VAL A 162 -18.06 -16.15 -19.59
N GLU A 163 -19.07 -16.86 -20.07
CA GLU A 163 -18.83 -17.78 -21.18
C GLU A 163 -18.53 -17.12 -22.52
N SER A 164 -19.33 -16.12 -22.91
CA SER A 164 -19.13 -15.44 -24.19
C SER A 164 -18.17 -14.26 -24.13
N LYS A 165 -17.93 -13.74 -22.94
CA LYS A 165 -17.03 -12.59 -22.73
C LYS A 165 -17.63 -11.27 -23.20
N GLN A 166 -18.94 -11.27 -23.42
CA GLN A 166 -19.64 -10.08 -23.87
C GLN A 166 -19.95 -9.13 -22.71
N PRO A 167 -19.74 -7.81 -22.92
CA PRO A 167 -20.04 -6.84 -21.86
C PRO A 167 -21.54 -6.76 -21.62
N LEU A 168 -21.92 -6.64 -20.36
CA LEU A 168 -23.33 -6.55 -19.96
C LEU A 168 -23.57 -5.19 -19.31
N GLU A 169 -24.78 -4.68 -19.43
CA GLU A 169 -25.12 -3.40 -18.80
C GLU A 169 -24.09 -2.29 -18.96
N THR A 170 -24.37 -1.16 -18.33
CA THR A 170 -23.47 0.00 -18.37
C THR A 170 -22.68 0.00 -17.06
N PRO A 171 -21.37 0.31 -17.12
CA PRO A 171 -20.57 0.31 -15.89
C PRO A 171 -21.09 1.24 -14.79
N LEU A 172 -20.93 0.80 -13.54
CA LEU A 172 -21.34 1.56 -12.37
C LEU A 172 -20.21 2.54 -12.07
N LYS A 173 -20.56 3.77 -11.69
CA LYS A 173 -19.52 4.74 -11.39
C LYS A 173 -19.60 5.31 -9.99
N ASP A 174 -18.58 6.08 -9.63
CA ASP A 174 -18.48 6.71 -8.31
C ASP A 174 -18.15 5.68 -7.24
N VAL A 175 -17.55 4.57 -7.66
CA VAL A 175 -17.16 3.49 -6.75
C VAL A 175 -15.76 3.81 -6.21
N LYS A 176 -15.53 3.55 -4.93
CA LYS A 176 -14.24 3.80 -4.30
C LYS A 176 -14.07 2.99 -3.01
N PHE A 177 -12.85 2.53 -2.75
CA PHE A 177 -12.53 1.72 -1.57
C PHE A 177 -13.65 0.69 -1.43
N SER A 178 -13.85 -0.07 -2.50
CA SER A 178 -14.93 -1.04 -2.53
C SER A 178 -14.62 -2.46 -2.94
N GLY A 179 -15.31 -3.39 -2.28
CA GLY A 179 -15.19 -4.79 -2.62
C GLY A 179 -16.43 -5.01 -3.49
N ILE A 180 -16.61 -6.23 -3.98
CA ILE A 180 -17.78 -6.57 -4.80
C ILE A 180 -18.24 -7.91 -4.24
N SER A 181 -19.41 -7.93 -3.63
CA SER A 181 -19.92 -9.15 -3.02
C SER A 181 -21.33 -9.51 -3.49
N TRP A 182 -21.42 -10.61 -4.22
CA TRP A 182 -22.68 -11.09 -4.77
C TRP A 182 -23.63 -11.71 -3.77
N LEU A 183 -24.92 -11.55 -4.04
CA LEU A 183 -25.96 -12.17 -3.24
C LEU A 183 -26.48 -13.18 -4.26
N GLY A 184 -26.03 -14.43 -4.15
CA GLY A 184 -26.44 -15.44 -5.10
C GLY A 184 -26.13 -15.00 -6.52
N ASN A 185 -27.16 -14.81 -7.33
CA ASN A 185 -26.99 -14.36 -8.71
C ASN A 185 -27.89 -13.16 -9.00
N GLU A 186 -28.49 -12.59 -7.95
CA GLU A 186 -29.40 -11.46 -8.11
C GLU A 186 -28.67 -10.16 -8.36
N GLY A 187 -27.55 -9.97 -7.68
CA GLY A 187 -26.79 -8.74 -7.81
C GLY A 187 -25.69 -8.71 -6.77
N PHE A 188 -25.10 -7.53 -6.55
CA PHE A 188 -23.99 -7.41 -5.62
C PHE A 188 -23.95 -6.12 -4.82
N PHE A 189 -23.27 -6.17 -3.69
CA PHE A 189 -23.09 -5.01 -2.82
C PHE A 189 -21.78 -4.33 -3.20
N TYR A 190 -21.72 -3.02 -3.09
CA TYR A 190 -20.51 -2.26 -3.38
C TYR A 190 -20.58 -0.95 -2.59
N SER A 191 -19.45 -0.26 -2.48
CA SER A 191 -19.39 0.99 -1.73
C SER A 191 -19.09 2.16 -2.66
N SER A 192 -19.64 3.32 -2.31
CA SER A 192 -19.49 4.50 -3.13
C SER A 192 -19.67 5.83 -2.39
N TYR A 193 -19.02 6.87 -2.90
CA TYR A 193 -19.14 8.23 -2.37
C TYR A 193 -19.87 8.98 -3.46
N ASP A 194 -20.73 9.93 -3.08
CA ASP A 194 -21.41 10.71 -4.10
C ASP A 194 -20.32 11.53 -4.79
N LYS A 195 -20.46 11.73 -6.10
CA LYS A 195 -19.49 12.51 -6.87
C LYS A 195 -19.43 13.89 -6.21
N PRO A 196 -18.24 14.27 -5.71
CA PRO A 196 -18.11 15.58 -5.05
C PRO A 196 -18.22 16.76 -6.01
N ASP A 197 -18.69 17.90 -5.52
CA ASP A 197 -18.75 19.07 -6.37
C ASP A 197 -17.29 19.57 -6.33
N GLY A 198 -16.77 19.97 -7.48
CA GLY A 198 -15.39 20.40 -7.51
C GLY A 198 -14.55 19.24 -8.02
N SER A 199 -13.24 19.34 -7.91
CA SER A 199 -12.35 18.29 -8.40
C SER A 199 -12.49 16.98 -7.64
N GLU A 200 -12.84 15.92 -8.37
CA GLU A 200 -12.99 14.61 -7.77
C GLU A 200 -11.63 14.11 -7.26
N LEU A 201 -10.55 14.74 -7.74
CA LEU A 201 -9.20 14.36 -7.35
C LEU A 201 -8.70 15.01 -6.06
N SER A 202 -9.37 16.05 -5.57
CA SER A 202 -8.92 16.71 -4.35
C SER A 202 -10.02 17.00 -3.33
N ALA A 203 -11.26 17.11 -3.78
CA ALA A 203 -12.39 17.39 -2.90
C ALA A 203 -12.56 16.35 -1.80
N ARG A 204 -13.05 16.82 -0.65
CA ARG A 204 -13.26 15.97 0.50
C ARG A 204 -14.46 15.03 0.33
N THR A 205 -14.29 13.78 0.75
CA THR A 205 -15.34 12.76 0.70
C THR A 205 -15.36 12.11 2.09
N ASP A 206 -16.49 12.18 2.78
CA ASP A 206 -16.53 11.59 4.12
C ASP A 206 -17.78 10.77 4.45
N GLN A 207 -18.64 10.56 3.47
CA GLN A 207 -19.86 9.76 3.68
C GLN A 207 -19.92 8.58 2.70
N HIS A 208 -19.27 7.49 3.08
CA HIS A 208 -19.24 6.28 2.27
C HIS A 208 -20.56 5.54 2.45
N LYS A 209 -21.11 5.00 1.37
CA LYS A 209 -22.37 4.26 1.42
C LYS A 209 -22.31 2.92 0.72
N VAL A 210 -23.07 1.97 1.25
CA VAL A 210 -23.15 0.65 0.64
C VAL A 210 -24.43 0.63 -0.19
N TYR A 211 -24.31 0.16 -1.43
CA TYR A 211 -25.45 0.06 -2.33
C TYR A 211 -25.54 -1.39 -2.82
N PHE A 212 -26.72 -1.77 -3.30
CA PHE A 212 -26.88 -3.10 -3.85
C PHE A 212 -27.33 -2.92 -5.29
N HIS A 213 -26.57 -3.49 -6.21
CA HIS A 213 -26.95 -3.39 -7.60
C HIS A 213 -27.61 -4.68 -8.05
N ARG A 214 -28.88 -4.58 -8.42
CA ARG A 214 -29.64 -5.73 -8.89
C ARG A 214 -29.43 -5.81 -10.39
N LEU A 215 -29.08 -6.99 -10.88
CA LEU A 215 -28.85 -7.16 -12.30
C LEU A 215 -30.08 -6.78 -13.10
N GLY A 216 -29.87 -6.07 -14.21
CA GLY A 216 -30.97 -5.68 -15.06
C GLY A 216 -31.59 -4.33 -14.77
N THR A 217 -30.96 -3.54 -13.90
CA THR A 217 -31.49 -2.22 -13.57
C THR A 217 -30.43 -1.12 -13.74
N ALA A 218 -30.88 0.13 -13.63
CA ALA A 218 -29.99 1.27 -13.74
C ALA A 218 -29.40 1.55 -12.37
N GLN A 219 -28.16 2.05 -12.34
CA GLN A 219 -27.49 2.35 -11.09
C GLN A 219 -28.30 3.32 -10.23
N GLU A 220 -29.02 4.23 -10.87
CA GLU A 220 -29.80 5.21 -10.12
C GLU A 220 -30.87 4.53 -9.27
N ASP A 221 -31.22 3.30 -9.62
CA ASP A 221 -32.23 2.56 -8.86
C ASP A 221 -31.64 1.60 -7.82
N ASP A 222 -30.31 1.63 -7.67
CA ASP A 222 -29.66 0.75 -6.68
C ASP A 222 -30.18 1.05 -5.28
N ARG A 223 -30.40 0.00 -4.50
CA ARG A 223 -30.90 0.15 -3.14
C ARG A 223 -29.79 0.59 -2.20
N LEU A 224 -30.05 1.63 -1.41
CA LEU A 224 -29.06 2.13 -0.45
C LEU A 224 -29.16 1.24 0.78
N VAL A 225 -28.08 0.51 1.05
CA VAL A 225 -28.06 -0.43 2.17
C VAL A 225 -27.60 0.16 3.50
N PHE A 226 -26.54 0.95 3.48
CA PHE A 226 -26.00 1.50 4.72
C PHE A 226 -25.25 2.81 4.48
N GLY A 227 -25.27 3.68 5.48
CA GLY A 227 -24.53 4.93 5.39
C GLY A 227 -25.24 6.22 5.03
N ALA A 228 -26.52 6.14 4.70
CA ALA A 228 -27.28 7.33 4.31
C ALA A 228 -27.82 8.11 5.50
N ILE A 229 -28.56 7.44 6.38
CA ILE A 229 -29.12 8.10 7.54
C ILE A 229 -28.00 8.58 8.46
N PRO A 230 -28.22 9.72 9.13
CA PRO A 230 -27.25 10.34 10.05
C PRO A 230 -26.54 9.37 10.97
N ALA A 231 -27.31 8.51 11.64
CA ALA A 231 -26.74 7.53 12.55
C ALA A 231 -25.72 6.59 11.90
N GLN A 232 -25.72 6.50 10.57
CA GLN A 232 -24.80 5.60 9.88
C GLN A 232 -23.67 6.26 9.08
N HIS A 233 -23.52 7.57 9.19
CA HIS A 233 -22.47 8.27 8.47
C HIS A 233 -21.08 7.80 8.89
N HIS A 234 -20.31 7.31 7.93
CA HIS A 234 -18.95 6.84 8.19
C HIS A 234 -18.10 7.17 6.97
N ARG A 235 -16.81 7.38 7.20
CA ARG A 235 -15.89 7.70 6.11
C ARG A 235 -15.56 6.47 5.26
N TYR A 236 -15.56 5.29 5.89
CA TYR A 236 -15.26 4.04 5.18
C TYR A 236 -16.27 2.94 5.53
N VAL A 237 -16.89 2.33 4.52
CA VAL A 237 -17.85 1.27 4.79
C VAL A 237 -17.65 0.11 3.82
N GLY A 238 -18.00 -1.09 4.24
CA GLY A 238 -17.85 -2.25 3.39
C GLY A 238 -18.89 -3.29 3.73
N ALA A 239 -19.32 -4.05 2.72
CA ALA A 239 -20.33 -5.09 2.93
C ALA A 239 -19.89 -6.36 2.23
N THR A 240 -20.04 -7.49 2.91
CA THR A 240 -19.64 -8.77 2.34
C THR A 240 -20.63 -9.87 2.72
N VAL A 241 -21.03 -10.65 1.73
CA VAL A 241 -21.93 -11.78 1.95
C VAL A 241 -21.05 -13.00 2.19
N THR A 242 -21.31 -13.73 3.27
CA THR A 242 -20.51 -14.90 3.59
C THR A 242 -20.57 -15.95 2.48
N GLU A 243 -19.55 -16.79 2.42
CA GLU A 243 -19.43 -17.85 1.43
C GLU A 243 -20.72 -18.68 1.30
N ASP A 244 -21.35 -19.00 2.42
CA ASP A 244 -22.58 -19.80 2.39
C ASP A 244 -23.85 -19.00 2.15
N GLN A 245 -23.70 -17.70 1.88
CA GLN A 245 -24.86 -16.84 1.60
C GLN A 245 -25.76 -16.59 2.81
N ARG A 246 -25.40 -17.11 3.98
CA ARG A 246 -26.28 -16.89 5.13
C ARG A 246 -26.19 -15.52 5.82
N PHE A 247 -25.02 -14.90 5.82
CA PHE A 247 -24.87 -13.61 6.49
C PHE A 247 -24.30 -12.46 5.67
N LEU A 248 -24.68 -11.26 6.07
CA LEU A 248 -24.19 -10.04 5.43
C LEU A 248 -23.45 -9.28 6.52
N LEU A 249 -22.15 -9.05 6.32
CA LEU A 249 -21.35 -8.34 7.31
C LEU A 249 -21.09 -6.93 6.80
N ILE A 250 -21.31 -5.95 7.66
CA ILE A 250 -21.08 -4.55 7.30
C ILE A 250 -20.10 -3.91 8.26
N SER A 251 -18.98 -3.43 7.72
CA SER A 251 -17.97 -2.77 8.54
C SER A 251 -18.08 -1.27 8.28
N ALA A 252 -17.84 -0.48 9.31
CA ALA A 252 -17.94 0.98 9.18
C ALA A 252 -16.85 1.63 10.02
N ALA A 253 -16.15 2.59 9.43
CA ALA A 253 -15.06 3.27 10.13
C ALA A 253 -14.91 4.73 9.73
N ASN A 254 -14.21 5.49 10.56
CA ASN A 254 -13.95 6.89 10.29
C ASN A 254 -12.45 7.10 10.09
N SER A 255 -11.64 6.16 10.58
CA SER A 255 -10.19 6.26 10.42
C SER A 255 -9.64 4.90 9.98
N THR A 256 -8.35 4.86 9.65
CA THR A 256 -7.72 3.62 9.18
C THR A 256 -7.47 2.60 10.29
N SER A 257 -7.82 2.95 11.53
CA SER A 257 -7.68 2.03 12.65
C SER A 257 -8.97 2.05 13.46
N GLY A 258 -9.55 0.87 13.68
CA GLY A 258 -10.79 0.80 14.43
C GLY A 258 -12.00 0.77 13.52
N ASN A 259 -12.97 -0.07 13.84
CA ASN A 259 -14.17 -0.15 13.02
C ASN A 259 -15.33 -0.81 13.75
N ARG A 260 -16.53 -0.46 13.33
CA ARG A 260 -17.75 -1.06 13.88
C ARG A 260 -18.04 -2.23 12.93
N LEU A 261 -18.79 -3.20 13.40
CA LEU A 261 -19.12 -4.35 12.56
C LEU A 261 -20.55 -4.78 12.88
N TYR A 262 -21.35 -4.99 11.84
CA TYR A 262 -22.74 -5.40 11.99
C TYR A 262 -22.97 -6.66 11.17
N VAL A 263 -23.95 -7.45 11.59
CA VAL A 263 -24.28 -8.68 10.88
C VAL A 263 -25.78 -8.83 10.73
N LYS A 264 -26.21 -9.26 9.54
CA LYS A 264 -27.64 -9.47 9.29
C LYS A 264 -27.85 -10.89 8.79
N ASP A 265 -28.80 -11.60 9.40
CA ASP A 265 -29.09 -12.96 8.98
C ASP A 265 -29.93 -12.86 7.72
N LEU A 266 -29.40 -13.34 6.61
CA LEU A 266 -30.11 -13.29 5.34
C LEU A 266 -31.09 -14.46 5.18
N SER A 267 -30.91 -15.52 5.94
CA SER A 267 -31.80 -16.67 5.85
C SER A 267 -33.12 -16.35 6.55
N GLN A 268 -33.12 -15.28 7.34
CA GLN A 268 -34.31 -14.85 8.05
C GLN A 268 -34.91 -13.61 7.40
N GLU A 269 -36.09 -13.79 6.82
CA GLU A 269 -36.79 -12.69 6.15
C GLU A 269 -36.79 -11.40 6.96
N ASN A 270 -36.20 -10.36 6.37
CA ASN A 270 -36.12 -9.04 7.02
C ASN A 270 -35.56 -9.09 8.42
N ALA A 271 -34.39 -9.70 8.57
CA ALA A 271 -33.72 -9.80 9.86
C ALA A 271 -33.09 -8.44 10.19
N PRO A 272 -32.95 -8.12 11.48
CA PRO A 272 -32.35 -6.84 11.90
C PRO A 272 -30.83 -6.85 11.84
N LEU A 273 -30.24 -5.66 11.77
CA LEU A 273 -28.80 -5.52 11.76
C LEU A 273 -28.34 -5.61 13.19
N LEU A 274 -27.65 -6.70 13.53
CA LEU A 274 -27.15 -6.90 14.88
C LEU A 274 -25.73 -6.33 14.96
N THR A 275 -25.37 -5.83 16.15
CA THR A 275 -24.06 -5.24 16.39
C THR A 275 -23.00 -6.23 16.88
N VAL A 276 -21.96 -6.45 16.08
CA VAL A 276 -20.88 -7.34 16.47
C VAL A 276 -19.95 -6.50 17.37
N GLN A 277 -19.71 -5.26 16.95
CA GLN A 277 -18.91 -4.30 17.72
C GLN A 277 -19.48 -2.92 17.40
N GLY A 278 -19.94 -2.22 18.43
CA GLY A 278 -20.55 -0.92 18.22
C GLY A 278 -19.67 0.30 18.40
N ASP A 279 -18.42 0.09 18.81
CA ASP A 279 -17.50 1.22 19.00
C ASP A 279 -16.33 1.10 18.05
N LEU A 280 -15.47 2.11 18.05
CA LEU A 280 -14.30 2.15 17.19
C LEU A 280 -12.99 1.94 17.94
N ASP A 281 -13.07 1.37 19.14
CA ASP A 281 -11.88 1.16 19.95
C ASP A 281 -11.02 -0.04 19.58
N ALA A 282 -11.37 -0.74 18.51
CA ALA A 282 -10.58 -1.91 18.10
C ALA A 282 -10.91 -2.31 16.68
N ASP A 283 -9.98 -3.02 16.05
CA ASP A 283 -10.22 -3.52 14.70
C ASP A 283 -10.84 -4.91 14.86
N VAL A 284 -11.83 -5.21 14.02
CA VAL A 284 -12.46 -6.53 14.07
C VAL A 284 -12.95 -6.86 12.67
N SER A 285 -12.58 -8.05 12.18
CA SER A 285 -12.99 -8.47 10.85
C SER A 285 -13.40 -9.95 10.87
N LEU A 286 -14.30 -10.34 9.96
CA LEU A 286 -14.76 -11.72 9.91
C LEU A 286 -13.81 -12.56 9.06
N VAL A 287 -13.31 -13.65 9.63
CA VAL A 287 -12.43 -14.55 8.90
C VAL A 287 -13.28 -15.53 8.10
N ASP A 288 -14.33 -16.05 8.72
CA ASP A 288 -15.22 -17.00 8.06
C ASP A 288 -16.33 -17.32 9.04
N ASN A 289 -17.24 -18.20 8.63
CA ASN A 289 -18.32 -18.58 9.52
C ASN A 289 -18.63 -20.04 9.28
N LYS A 290 -19.07 -20.72 10.33
CA LYS A 290 -19.45 -22.12 10.22
C LYS A 290 -20.82 -22.14 10.87
N GLY A 291 -21.85 -22.15 10.03
CA GLY A 291 -23.20 -22.12 10.56
C GLY A 291 -23.42 -20.74 11.12
N SER A 292 -24.01 -20.64 12.30
CA SER A 292 -24.26 -19.33 12.91
C SER A 292 -23.06 -18.85 13.71
N THR A 293 -21.99 -19.64 13.71
CA THR A 293 -20.78 -19.29 14.44
C THR A 293 -19.87 -18.39 13.61
N LEU A 294 -19.59 -17.20 14.12
CA LEU A 294 -18.72 -16.25 13.44
C LEU A 294 -17.30 -16.35 13.98
N TYR A 295 -16.32 -16.30 13.09
CA TYR A 295 -14.89 -16.34 13.46
C TYR A 295 -14.35 -14.95 13.17
N LEU A 296 -13.97 -14.24 14.23
CA LEU A 296 -13.49 -12.87 14.11
C LEU A 296 -12.04 -12.67 14.52
N LEU A 297 -11.31 -11.89 13.71
CA LEU A 297 -9.92 -11.55 14.02
C LEU A 297 -10.03 -10.17 14.64
N THR A 298 -9.42 -9.98 15.81
CA THR A 298 -9.52 -8.68 16.47
C THR A 298 -8.34 -8.33 17.37
N ASN A 299 -8.15 -7.03 17.60
CA ASN A 299 -7.12 -6.58 18.52
C ASN A 299 -7.81 -6.01 19.76
N ARG A 300 -9.11 -6.28 19.90
CA ARG A 300 -9.84 -5.81 21.09
C ARG A 300 -9.27 -6.58 22.27
N ASP A 301 -8.72 -5.86 23.24
CA ASP A 301 -8.10 -6.47 24.41
C ASP A 301 -6.98 -7.44 23.99
N ALA A 302 -6.37 -7.19 22.83
CA ALA A 302 -5.29 -8.05 22.34
C ALA A 302 -4.40 -7.28 21.37
N PRO A 303 -3.38 -6.58 21.89
CA PRO A 303 -2.43 -5.79 21.08
C PRO A 303 -1.85 -6.56 19.88
N ASN A 304 -1.56 -7.84 20.08
CA ASN A 304 -1.00 -8.64 18.99
C ASN A 304 -2.06 -9.45 18.24
N ARG A 305 -3.33 -9.16 18.56
CA ARG A 305 -4.50 -9.80 17.96
C ARG A 305 -4.76 -11.22 18.39
N ARG A 306 -6.02 -11.63 18.22
CA ARG A 306 -6.48 -12.96 18.60
C ARG A 306 -7.65 -13.36 17.71
N LEU A 307 -7.98 -14.64 17.69
CA LEU A 307 -9.11 -15.14 16.90
C LEU A 307 -10.18 -15.59 17.91
N VAL A 308 -11.39 -15.06 17.78
CA VAL A 308 -12.48 -15.40 18.68
C VAL A 308 -13.70 -15.87 17.89
N THR A 309 -14.65 -16.48 18.59
CA THR A 309 -15.87 -16.93 17.95
C THR A 309 -17.07 -16.41 18.74
N VAL A 310 -18.20 -16.27 18.08
CA VAL A 310 -19.42 -15.82 18.73
C VAL A 310 -20.59 -16.19 17.83
N ASP A 311 -21.75 -16.47 18.44
CA ASP A 311 -22.92 -16.83 17.64
C ASP A 311 -23.52 -15.58 17.04
N ALA A 312 -23.87 -15.63 15.76
CA ALA A 312 -24.45 -14.49 15.07
C ALA A 312 -25.73 -13.94 15.70
N ALA A 313 -26.45 -14.77 16.44
CA ALA A 313 -27.70 -14.34 17.08
C ALA A 313 -27.51 -13.32 18.22
N ASN A 314 -26.33 -13.30 18.83
CA ASN A 314 -26.04 -12.37 19.93
C ASN A 314 -24.52 -12.19 19.91
N PRO A 315 -23.99 -11.58 18.83
CA PRO A 315 -22.59 -11.29 18.53
C PRO A 315 -21.79 -10.21 19.26
N GLY A 316 -22.35 -9.59 20.28
CA GLY A 316 -21.63 -8.54 21.00
C GLY A 316 -20.32 -9.01 21.63
N PRO A 317 -19.35 -8.10 21.83
CA PRO A 317 -18.03 -8.39 22.41
C PRO A 317 -18.08 -9.11 23.76
N ALA A 318 -19.13 -8.87 24.54
CA ALA A 318 -19.26 -9.52 25.85
C ALA A 318 -19.38 -11.02 25.68
N HIS A 319 -19.74 -11.47 24.48
CA HIS A 319 -19.89 -12.89 24.23
C HIS A 319 -18.78 -13.55 23.42
N TRP A 320 -17.81 -12.77 22.97
CA TRP A 320 -16.71 -13.33 22.18
C TRP A 320 -15.89 -14.31 23.03
N ARG A 321 -15.53 -15.44 22.44
CA ARG A 321 -14.73 -16.45 23.14
C ARG A 321 -13.48 -16.81 22.34
N ASP A 322 -12.34 -16.79 23.02
CA ASP A 322 -11.06 -17.09 22.39
C ASP A 322 -11.02 -18.45 21.69
N LEU A 323 -10.52 -18.46 20.45
CA LEU A 323 -10.35 -19.71 19.69
C LEU A 323 -8.84 -19.84 19.57
N ILE A 324 -8.18 -18.77 19.15
CA ILE A 324 -6.72 -18.74 19.06
C ILE A 324 -6.32 -17.55 19.91
N PRO A 325 -5.93 -17.81 21.17
CA PRO A 325 -5.52 -16.78 22.13
C PRO A 325 -4.36 -15.95 21.62
N GLU A 326 -4.29 -14.71 22.08
CA GLU A 326 -3.22 -13.79 21.71
C GLU A 326 -1.87 -14.33 22.18
N ARG A 327 -0.82 -14.08 21.39
CA ARG A 327 0.53 -14.51 21.74
C ARG A 327 1.45 -13.29 21.66
N GLN A 328 2.75 -13.49 21.83
CA GLN A 328 3.71 -12.38 21.77
C GLN A 328 3.97 -11.94 20.34
N GLN A 329 3.56 -12.78 19.38
CA GLN A 329 3.74 -12.46 17.98
C GLN A 329 2.41 -12.05 17.36
N VAL A 330 2.46 -11.09 16.44
CA VAL A 330 1.26 -10.60 15.78
C VAL A 330 0.61 -11.70 14.92
N LEU A 331 -0.70 -11.81 15.03
CA LEU A 331 -1.47 -12.82 14.30
C LEU A 331 -2.31 -12.29 13.14
N THR A 332 -2.35 -13.07 12.06
CA THR A 332 -3.18 -12.79 10.90
C THR A 332 -3.76 -14.18 10.58
N VAL A 333 -5.03 -14.24 10.19
CA VAL A 333 -5.65 -15.53 9.89
C VAL A 333 -6.23 -15.67 8.49
N HIS A 334 -5.90 -16.79 7.84
CA HIS A 334 -6.39 -17.10 6.51
C HIS A 334 -7.22 -18.37 6.67
N SER A 335 -8.16 -18.61 5.77
CA SER A 335 -8.96 -19.82 5.86
C SER A 335 -9.07 -20.45 4.48
N GLY A 336 -9.11 -21.78 4.44
CA GLY A 336 -9.23 -22.48 3.20
C GLY A 336 -9.24 -23.99 3.39
N SER A 337 -9.96 -24.68 2.51
CA SER A 337 -10.06 -26.13 2.55
C SER A 337 -10.49 -26.68 3.91
N GLY A 338 -11.29 -25.91 4.64
CA GLY A 338 -11.77 -26.35 5.94
C GLY A 338 -10.80 -26.16 7.10
N TYR A 339 -9.77 -25.35 6.89
CA TYR A 339 -8.79 -25.10 7.94
C TYR A 339 -8.53 -23.62 8.12
N LEU A 340 -7.98 -23.27 9.28
CA LEU A 340 -7.63 -21.89 9.60
C LEU A 340 -6.11 -21.84 9.59
N PHE A 341 -5.54 -20.83 8.96
CA PHE A 341 -4.09 -20.71 8.92
C PHE A 341 -3.64 -19.47 9.67
N ALA A 342 -2.97 -19.70 10.80
CA ALA A 342 -2.47 -18.61 11.62
C ALA A 342 -1.08 -18.23 11.13
N GLU A 343 -0.98 -17.03 10.60
CA GLU A 343 0.30 -16.54 10.13
C GLU A 343 0.82 -15.61 11.22
N TYR A 344 2.00 -15.93 11.75
CA TYR A 344 2.61 -15.14 12.79
C TYR A 344 3.82 -14.39 12.26
N MET A 345 4.06 -13.23 12.83
CA MET A 345 5.18 -12.40 12.44
C MET A 345 6.31 -12.54 13.46
N VAL A 346 7.41 -13.11 13.02
CA VAL A 346 8.60 -13.30 13.85
C VAL A 346 9.65 -12.34 13.33
N ASP A 347 9.78 -11.19 14.01
CA ASP A 347 10.74 -10.17 13.60
C ASP A 347 10.58 -9.87 12.11
N ALA A 348 9.35 -9.53 11.73
CA ALA A 348 8.99 -9.20 10.36
C ALA A 348 9.02 -10.36 9.34
N THR A 349 9.23 -11.59 9.79
CA THR A 349 9.22 -12.73 8.88
C THR A 349 8.07 -13.68 9.24
N ALA A 350 7.54 -14.36 8.22
CA ALA A 350 6.40 -15.24 8.41
C ALA A 350 6.63 -16.65 8.91
N ARG A 351 5.66 -17.14 9.66
CA ARG A 351 5.61 -18.50 10.20
C ARG A 351 4.13 -18.87 10.06
N VAL A 352 3.84 -20.11 9.69
CA VAL A 352 2.45 -20.51 9.53
C VAL A 352 2.09 -21.76 10.30
N GLU A 353 0.94 -21.70 10.97
CA GLU A 353 0.42 -22.83 11.76
C GLU A 353 -1.00 -23.15 11.28
N GLN A 354 -1.28 -24.44 11.11
CA GLN A 354 -2.59 -24.89 10.66
C GLN A 354 -3.46 -25.33 11.84
N PHE A 355 -4.70 -24.85 11.87
CA PHE A 355 -5.66 -25.17 12.94
C PHE A 355 -6.97 -25.65 12.33
N ASP A 356 -7.75 -26.44 13.07
CA ASP A 356 -9.05 -26.85 12.58
C ASP A 356 -10.01 -25.80 13.14
N TYR A 357 -11.29 -25.86 12.74
CA TYR A 357 -12.24 -24.86 13.22
C TYR A 357 -12.64 -24.98 14.69
N GLU A 358 -12.03 -25.92 15.41
CA GLU A 358 -12.29 -26.06 16.84
C GLU A 358 -11.14 -25.41 17.58
N GLY A 359 -10.15 -24.94 16.82
CA GLY A 359 -9.00 -24.30 17.44
C GLY A 359 -7.90 -25.26 17.84
N LYS A 360 -7.95 -26.48 17.32
CA LYS A 360 -6.94 -27.48 17.64
C LYS A 360 -5.84 -27.41 16.59
N ARG A 361 -4.60 -27.31 17.06
CA ARG A 361 -3.46 -27.21 16.16
C ARG A 361 -3.24 -28.51 15.39
N VAL A 362 -3.12 -28.39 14.07
CA VAL A 362 -2.90 -29.56 13.23
C VAL A 362 -1.40 -29.77 13.00
N ARG A 363 -0.72 -28.69 12.64
CA ARG A 363 0.72 -28.75 12.38
C ARG A 363 1.23 -27.37 12.02
N GLU A 364 2.55 -27.23 12.03
CA GLU A 364 3.17 -25.99 11.62
C GLU A 364 3.55 -26.23 10.17
N VAL A 365 3.27 -25.27 9.30
CA VAL A 365 3.58 -25.41 7.89
C VAL A 365 5.00 -24.88 7.65
N ALA A 366 5.91 -25.79 7.30
CA ALA A 366 7.30 -25.40 7.06
C ALA A 366 7.40 -24.51 5.82
N LEU A 367 8.04 -23.35 5.98
CA LEU A 367 8.20 -22.44 4.86
C LEU A 367 9.60 -22.57 4.28
N PRO A 368 9.77 -22.25 2.98
CA PRO A 368 11.04 -22.31 2.24
C PRO A 368 12.19 -21.51 2.83
N GLY A 369 11.89 -20.65 3.80
CA GLY A 369 12.95 -19.83 4.40
C GLY A 369 12.38 -18.67 5.20
N LEU A 370 13.16 -17.59 5.30
CA LEU A 370 12.74 -16.41 6.03
C LEU A 370 12.28 -15.30 5.10
N GLY A 371 11.00 -15.00 5.12
CA GLY A 371 10.49 -13.96 4.25
C GLY A 371 9.00 -13.73 4.38
N SER A 372 8.34 -13.46 3.27
CA SER A 372 6.91 -13.20 3.28
C SER A 372 6.18 -14.30 2.53
N VAL A 373 4.95 -14.55 2.95
CA VAL A 373 4.13 -15.56 2.29
C VAL A 373 2.83 -14.91 1.84
N SER A 374 2.23 -15.50 0.82
CA SER A 374 0.97 -15.03 0.28
C SER A 374 0.16 -16.29 -0.01
N GLY A 375 -1.15 -16.21 0.11
CA GLY A 375 -1.96 -17.38 -0.16
C GLY A 375 -2.54 -18.01 1.07
N PHE A 376 -2.74 -19.32 1.03
CA PHE A 376 -3.34 -20.07 2.14
C PHE A 376 -4.80 -19.66 2.25
N ASN A 377 -5.31 -19.07 1.17
CA ASN A 377 -6.69 -18.64 1.13
C ASN A 377 -7.46 -19.38 0.06
N GLY A 378 -8.64 -19.85 0.43
CA GLY A 378 -9.46 -20.59 -0.52
C GLY A 378 -10.82 -20.90 0.07
N TYR A 379 -11.64 -21.60 -0.71
CA TYR A 379 -12.96 -21.97 -0.27
C TYR A 379 -12.90 -23.26 0.51
N TRP A 380 -13.92 -23.51 1.32
CA TRP A 380 -13.99 -24.70 2.14
C TRP A 380 -13.80 -25.98 1.33
N TRP A 381 -14.26 -25.96 0.08
CA TRP A 381 -14.18 -27.14 -0.79
C TRP A 381 -12.93 -27.32 -1.63
N ASP A 382 -12.03 -26.34 -1.65
CA ASP A 382 -10.81 -26.46 -2.46
C ASP A 382 -9.99 -27.69 -2.06
N PRO A 383 -9.68 -28.56 -3.04
CA PRO A 383 -8.88 -29.76 -2.76
C PRO A 383 -7.44 -29.46 -2.40
N ALA A 384 -6.96 -28.28 -2.80
CA ALA A 384 -5.58 -27.88 -2.51
C ALA A 384 -5.47 -26.37 -2.39
N LEU A 385 -4.46 -25.91 -1.66
CA LEU A 385 -4.23 -24.49 -1.49
C LEU A 385 -2.88 -24.16 -2.10
N TYR A 386 -2.66 -22.89 -2.39
CA TYR A 386 -1.41 -22.45 -2.98
C TYR A 386 -0.87 -21.31 -2.14
N PHE A 387 0.45 -21.23 -2.04
CA PHE A 387 1.05 -20.13 -1.32
C PHE A 387 2.33 -19.72 -2.03
N GLY A 388 2.66 -18.44 -1.92
CA GLY A 388 3.86 -17.93 -2.56
C GLY A 388 4.84 -17.52 -1.47
N PHE A 389 6.13 -17.64 -1.77
CA PHE A 389 7.16 -17.25 -0.83
C PHE A 389 8.17 -16.35 -1.53
N GLU A 390 8.66 -15.34 -0.82
CA GLU A 390 9.65 -14.43 -1.36
C GLU A 390 10.31 -13.59 -0.27
N ASN A 391 11.44 -12.97 -0.62
CA ASN A 391 12.14 -12.07 0.27
C ASN A 391 12.97 -11.14 -0.62
N TYR A 392 13.83 -10.32 -0.04
CA TYR A 392 14.60 -9.38 -0.86
C TYR A 392 15.51 -10.03 -1.90
N ALA A 393 15.98 -11.24 -1.62
CA ALA A 393 16.87 -11.91 -2.55
C ALA A 393 16.22 -13.11 -3.24
N GLN A 394 14.96 -13.37 -2.93
CA GLN A 394 14.26 -14.52 -3.52
C GLN A 394 12.99 -14.15 -4.28
N PRO A 395 13.01 -14.29 -5.62
CA PRO A 395 11.84 -13.96 -6.44
C PRO A 395 10.66 -14.86 -6.05
N PRO A 396 9.42 -14.39 -6.21
CA PRO A 396 8.23 -15.17 -5.87
C PRO A 396 8.24 -16.59 -6.42
N THR A 397 7.99 -17.55 -5.54
CA THR A 397 7.95 -18.98 -5.89
C THR A 397 6.59 -19.53 -5.39
N LEU A 398 5.90 -20.28 -6.25
CA LEU A 398 4.61 -20.83 -5.88
C LEU A 398 4.68 -22.30 -5.47
N TYR A 399 4.00 -22.62 -4.38
CA TYR A 399 3.95 -23.98 -3.86
C TYR A 399 2.52 -24.48 -3.74
N ARG A 400 2.33 -25.78 -3.93
CA ARG A 400 1.02 -26.40 -3.80
C ARG A 400 1.01 -27.05 -2.42
N PHE A 401 -0.12 -26.90 -1.72
CA PHE A 401 -0.24 -27.45 -0.37
C PHE A 401 -1.52 -28.27 -0.22
N GLU A 402 -1.38 -29.55 0.12
CA GLU A 402 -2.54 -30.42 0.33
C GLU A 402 -2.78 -30.41 1.84
N PRO A 403 -3.74 -29.61 2.29
CA PRO A 403 -4.13 -29.42 3.71
C PRO A 403 -4.28 -30.66 4.60
N LYS A 404 -4.93 -31.70 4.09
CA LYS A 404 -5.12 -32.90 4.91
C LYS A 404 -3.82 -33.64 5.21
N SER A 405 -3.07 -33.99 4.18
CA SER A 405 -1.80 -34.70 4.39
C SER A 405 -0.67 -33.74 4.73
N GLY A 406 -0.86 -32.47 4.39
CA GLY A 406 0.17 -31.48 4.65
C GLY A 406 1.32 -31.52 3.65
N ALA A 407 1.11 -32.23 2.55
CA ALA A 407 2.14 -32.36 1.53
C ALA A 407 2.36 -31.03 0.79
N ILE A 408 3.62 -30.62 0.70
CA ILE A 408 3.98 -29.38 0.01
C ILE A 408 4.78 -29.71 -1.24
N SER A 409 4.42 -29.11 -2.37
CA SER A 409 5.15 -29.36 -3.60
C SER A 409 5.38 -28.06 -4.37
N LEU A 410 6.44 -28.04 -5.16
CA LEU A 410 6.76 -26.86 -5.95
C LEU A 410 5.76 -26.78 -7.09
N TYR A 411 5.01 -25.70 -7.16
CA TYR A 411 4.04 -25.53 -8.22
C TYR A 411 4.69 -24.78 -9.37
N ARG A 412 5.38 -23.69 -9.06
CA ARG A 412 6.06 -22.93 -10.10
C ARG A 412 7.28 -22.17 -9.61
N ALA A 413 8.44 -22.53 -10.14
CA ALA A 413 9.69 -21.87 -9.77
C ALA A 413 9.75 -20.54 -10.52
N SER A 414 10.48 -19.57 -9.97
CA SER A 414 10.59 -18.27 -10.63
C SER A 414 11.42 -18.40 -11.90
N ALA A 415 11.10 -17.59 -12.91
CA ALA A 415 11.85 -17.62 -14.15
C ALA A 415 12.78 -16.40 -14.18
N ALA A 416 12.92 -15.72 -13.04
CA ALA A 416 13.75 -14.53 -12.95
C ALA A 416 15.24 -14.83 -13.13
N PRO A 417 16.00 -13.89 -13.71
CA PRO A 417 17.44 -14.04 -13.95
C PRO A 417 18.27 -13.74 -12.71
N PHE A 418 17.62 -13.65 -11.56
CA PHE A 418 18.33 -13.35 -10.32
C PHE A 418 18.61 -14.65 -9.55
N LYS A 419 19.84 -14.81 -9.07
CA LYS A 419 20.23 -15.99 -8.32
C LYS A 419 20.32 -15.62 -6.83
N PRO A 420 19.39 -16.15 -6.00
CA PRO A 420 19.37 -15.87 -4.56
C PRO A 420 20.72 -16.03 -3.87
N GLU A 421 21.45 -17.08 -4.21
CA GLU A 421 22.75 -17.35 -3.61
C GLU A 421 23.79 -16.25 -3.84
N ASP A 422 23.50 -15.29 -4.72
CA ASP A 422 24.45 -14.21 -4.98
C ASP A 422 24.33 -13.06 -4.00
N TYR A 423 23.28 -13.09 -3.18
CA TYR A 423 23.02 -12.01 -2.24
C TYR A 423 23.02 -12.38 -0.78
N VAL A 424 23.24 -11.36 0.03
CA VAL A 424 23.21 -11.48 1.47
C VAL A 424 22.02 -10.62 1.90
N SER A 425 21.28 -11.09 2.90
CA SER A 425 20.15 -10.34 3.42
C SER A 425 20.20 -10.63 4.92
N GLU A 426 20.79 -9.72 5.69
CA GLU A 426 20.95 -9.92 7.12
C GLU A 426 20.12 -9.00 8.00
N GLN A 427 19.59 -9.54 9.09
CA GLN A 427 18.77 -8.74 9.99
C GLN A 427 19.56 -8.33 11.23
N ARG A 428 19.46 -7.04 11.56
CA ARG A 428 20.12 -6.51 12.72
C ARG A 428 19.11 -5.67 13.48
N PHE A 429 19.38 -5.44 14.76
CA PHE A 429 18.51 -4.64 15.62
C PHE A 429 19.36 -3.52 16.22
N TYR A 430 19.18 -2.31 15.72
CA TYR A 430 19.95 -1.17 16.19
C TYR A 430 19.20 -0.44 17.30
N GLN A 431 19.91 0.41 18.02
CA GLN A 431 19.33 1.14 19.15
C GLN A 431 18.89 2.54 18.76
N SER A 432 17.63 2.85 19.04
CA SER A 432 17.10 4.19 18.74
C SER A 432 17.48 5.12 19.88
N LYS A 433 17.20 6.41 19.71
CA LYS A 433 17.52 7.42 20.72
C LYS A 433 17.08 7.05 22.13
N ASP A 434 15.84 6.58 22.29
CA ASP A 434 15.37 6.22 23.63
C ASP A 434 15.77 4.82 24.07
N GLY A 435 16.64 4.17 23.31
CA GLY A 435 17.09 2.83 23.68
C GLY A 435 16.34 1.67 23.03
N THR A 436 15.19 1.93 22.45
CA THR A 436 14.41 0.89 21.80
C THR A 436 15.21 0.20 20.70
N ARG A 437 15.17 -1.13 20.65
CA ARG A 437 15.86 -1.88 19.60
C ARG A 437 14.89 -1.95 18.41
N VAL A 438 15.35 -1.53 17.24
CA VAL A 438 14.54 -1.50 16.02
C VAL A 438 15.15 -2.42 14.95
N PRO A 439 14.30 -3.26 14.32
CA PRO A 439 14.81 -4.18 13.28
C PRO A 439 15.23 -3.47 12.00
N LEU A 440 16.24 -4.02 11.33
CA LEU A 440 16.77 -3.48 10.09
C LEU A 440 17.24 -4.67 9.25
N ILE A 441 16.73 -4.79 8.02
CA ILE A 441 17.18 -5.87 7.15
C ILE A 441 18.01 -5.24 6.04
N ILE A 442 19.27 -5.65 5.96
CA ILE A 442 20.22 -5.12 5.01
C ILE A 442 20.58 -6.13 3.93
N SER A 443 20.39 -5.75 2.67
CA SER A 443 20.67 -6.65 1.56
C SER A 443 21.69 -6.10 0.59
N TYR A 444 22.47 -7.00 0.00
CA TYR A 444 23.52 -6.60 -0.94
C TYR A 444 24.16 -7.82 -1.58
N ARG A 445 24.96 -7.59 -2.61
CA ARG A 445 25.67 -8.67 -3.29
C ARG A 445 26.78 -9.18 -2.40
N LYS A 446 27.02 -10.49 -2.41
CA LYS A 446 28.09 -11.06 -1.61
C LYS A 446 29.41 -10.47 -2.08
N GLY A 447 30.35 -10.33 -1.16
CA GLY A 447 31.66 -9.77 -1.49
C GLY A 447 31.78 -8.32 -1.06
N LEU A 448 30.77 -7.83 -0.36
CA LEU A 448 30.75 -6.46 0.12
C LEU A 448 31.80 -6.20 1.19
N LYS A 449 32.43 -5.04 1.13
CA LYS A 449 33.42 -4.64 2.11
C LYS A 449 32.80 -3.51 2.95
N LEU A 450 32.97 -3.59 4.27
CA LEU A 450 32.43 -2.57 5.15
C LEU A 450 33.44 -1.42 5.29
N ASP A 451 33.78 -0.81 4.17
CA ASP A 451 34.74 0.29 4.16
C ASP A 451 34.04 1.65 4.09
N GLY A 452 32.74 1.65 4.38
CA GLY A 452 31.96 2.87 4.38
C GLY A 452 31.73 3.55 3.03
N SER A 453 32.02 2.86 1.93
CA SER A 453 31.88 3.47 0.62
C SER A 453 30.72 3.00 -0.27
N ASN A 454 29.95 2.02 0.19
CA ASN A 454 28.86 1.50 -0.62
C ASN A 454 27.66 2.43 -0.77
N PRO A 455 27.24 2.68 -2.02
CA PRO A 455 26.08 3.55 -2.27
C PRO A 455 24.92 2.80 -1.63
N THR A 456 24.21 3.49 -0.74
CA THR A 456 23.13 2.87 0.03
C THR A 456 21.80 3.61 0.03
N ILE A 457 20.72 2.84 -0.01
CA ILE A 457 19.37 3.40 0.05
C ILE A 457 18.72 2.86 1.32
N LEU A 458 18.33 3.77 2.21
CA LEU A 458 17.67 3.40 3.46
C LEU A 458 16.19 3.72 3.23
N TYR A 459 15.35 2.70 3.39
CA TYR A 459 13.91 2.80 3.16
C TYR A 459 13.12 2.58 4.44
N GLY A 460 12.03 3.31 4.60
CA GLY A 460 11.19 3.16 5.77
C GLY A 460 9.78 3.65 5.50
N TYR A 461 8.86 3.34 6.41
CA TYR A 461 7.47 3.78 6.28
C TYR A 461 7.13 4.34 7.66
N GLY A 462 6.89 3.44 8.61
CA GLY A 462 6.63 3.85 9.98
C GLY A 462 5.28 4.44 10.31
N GLY A 463 4.23 3.63 10.23
CA GLY A 463 2.92 4.12 10.55
C GLY A 463 1.77 3.25 10.07
N PHE A 464 0.58 3.59 10.56
CA PHE A 464 -0.64 2.90 10.16
C PHE A 464 -0.68 1.40 10.37
N ASP A 465 0.09 0.90 11.34
CA ASP A 465 0.14 -0.52 11.66
C ASP A 465 0.59 -1.37 10.47
N VAL A 466 1.31 -0.74 9.55
CA VAL A 466 1.83 -1.44 8.38
C VAL A 466 3.16 -2.08 8.74
N SER A 467 3.31 -3.36 8.38
CA SER A 467 4.55 -4.08 8.66
C SER A 467 5.32 -4.27 7.38
N LEU A 468 6.58 -3.86 7.36
CA LEU A 468 7.41 -4.02 6.18
C LEU A 468 8.11 -5.39 6.23
N THR A 469 7.44 -6.41 5.70
CA THR A 469 8.00 -7.75 5.66
C THR A 469 8.80 -7.90 4.36
N PRO A 470 9.79 -8.79 4.32
CA PRO A 470 10.60 -8.97 3.10
C PRO A 470 9.79 -9.21 1.82
N SER A 471 10.09 -8.45 0.78
CA SER A 471 9.39 -8.61 -0.50
C SER A 471 10.38 -8.45 -1.63
N PHE A 472 10.17 -9.20 -2.72
CA PHE A 472 11.07 -9.11 -3.85
C PHE A 472 10.69 -8.00 -4.81
N SER A 473 11.69 -7.23 -5.23
CA SER A 473 11.49 -6.14 -6.17
C SER A 473 12.57 -6.21 -7.26
N VAL A 474 12.16 -6.19 -8.52
CA VAL A 474 13.14 -6.23 -9.60
C VAL A 474 14.01 -4.98 -9.54
N SER A 475 13.41 -3.84 -9.18
CA SER A 475 14.17 -2.60 -9.08
C SER A 475 15.23 -2.73 -8.01
N VAL A 476 14.86 -3.23 -6.84
CA VAL A 476 15.83 -3.39 -5.76
C VAL A 476 16.96 -4.34 -6.12
N ALA A 477 16.62 -5.49 -6.69
CA ALA A 477 17.63 -6.48 -7.10
C ALA A 477 18.64 -5.81 -8.03
N ASN A 478 18.15 -4.92 -8.89
CA ASN A 478 19.02 -4.21 -9.80
C ASN A 478 19.91 -3.22 -9.06
N TRP A 479 19.38 -2.57 -8.02
CA TRP A 479 20.19 -1.65 -7.24
C TRP A 479 21.33 -2.45 -6.61
N LEU A 480 21.02 -3.66 -6.14
CA LEU A 480 22.06 -4.51 -5.55
C LEU A 480 23.08 -4.93 -6.62
N ASP A 481 22.61 -5.25 -7.82
CA ASP A 481 23.51 -5.67 -8.90
C ASP A 481 24.41 -4.51 -9.34
N LEU A 482 23.95 -3.28 -9.14
CA LEU A 482 24.74 -2.11 -9.49
C LEU A 482 25.79 -1.86 -8.42
N GLY A 483 25.76 -2.65 -7.37
CA GLY A 483 26.72 -2.51 -6.27
C GLY A 483 26.18 -1.80 -5.05
N GLY A 484 24.88 -1.53 -5.03
CA GLY A 484 24.31 -0.84 -3.89
C GLY A 484 23.87 -1.69 -2.71
N VAL A 485 23.60 -1.02 -1.61
CA VAL A 485 23.11 -1.66 -0.40
C VAL A 485 21.68 -1.16 -0.21
N TYR A 486 20.77 -2.05 0.15
CA TYR A 486 19.37 -1.70 0.39
C TYR A 486 19.04 -2.09 1.82
N ALA A 487 18.64 -1.12 2.64
CA ALA A 487 18.31 -1.40 4.03
C ALA A 487 16.90 -0.95 4.35
N VAL A 488 16.12 -1.85 4.95
CA VAL A 488 14.74 -1.53 5.31
C VAL A 488 14.56 -1.55 6.81
N ALA A 489 14.15 -0.41 7.36
CA ALA A 489 13.94 -0.30 8.80
C ALA A 489 12.48 -0.56 9.16
N ASN A 490 12.26 -1.34 10.23
CA ASN A 490 10.91 -1.63 10.71
C ASN A 490 10.61 -0.69 11.86
N LEU A 491 10.53 0.59 11.53
CA LEU A 491 10.28 1.66 12.48
C LEU A 491 8.98 1.53 13.26
N ARG A 492 8.96 2.12 14.45
CA ARG A 492 7.74 2.15 15.26
C ARG A 492 6.70 2.89 14.42
N GLY A 493 5.44 2.75 14.80
CA GLY A 493 4.38 3.35 14.01
C GLY A 493 3.88 2.20 13.13
N GLY A 494 4.77 1.25 12.86
CA GLY A 494 4.42 0.09 12.05
C GLY A 494 3.70 -0.95 12.89
N GLY A 495 3.38 -2.09 12.31
CA GLY A 495 2.67 -3.11 13.08
C GLY A 495 3.50 -4.35 13.38
N GLU A 496 4.81 -4.28 13.15
CA GLU A 496 5.69 -5.43 13.37
C GLU A 496 5.58 -6.05 14.75
N TYR A 497 5.46 -5.21 15.78
CA TYR A 497 5.32 -5.74 17.13
C TYR A 497 3.98 -5.38 17.76
N GLY A 498 2.94 -5.38 16.93
CA GLY A 498 1.60 -5.13 17.42
C GLY A 498 1.18 -3.69 17.64
N GLN A 499 0.03 -3.56 18.29
CA GLN A 499 -0.54 -2.26 18.58
C GLN A 499 0.39 -1.33 19.37
N ALA A 500 1.14 -1.89 20.32
CA ALA A 500 2.04 -1.06 21.11
C ALA A 500 3.14 -0.45 20.24
N TRP A 501 3.57 -1.19 19.23
CA TRP A 501 4.60 -0.72 18.30
C TRP A 501 3.99 0.38 17.42
N HIS A 502 2.71 0.20 17.07
CA HIS A 502 2.00 1.17 16.24
C HIS A 502 1.78 2.49 16.99
N LEU A 503 1.16 2.39 18.18
CA LEU A 503 0.84 3.57 18.97
C LEU A 503 2.04 4.41 19.41
N ALA A 504 3.20 3.77 19.54
CA ALA A 504 4.41 4.49 19.93
C ALA A 504 4.88 5.41 18.80
N GLY A 505 4.18 5.37 17.67
CA GLY A 505 4.53 6.22 16.55
C GLY A 505 3.38 7.07 16.03
N THR A 506 2.35 7.24 16.83
CA THR A 506 1.19 8.04 16.40
C THR A 506 1.04 9.34 17.19
N GLN A 507 0.37 10.29 16.56
CA GLN A 507 0.07 11.60 17.13
C GLN A 507 1.25 12.32 17.80
N GLN A 508 1.19 12.54 19.10
CA GLN A 508 2.30 13.24 19.74
C GLN A 508 3.50 12.37 20.09
N ASN A 509 3.59 11.20 19.44
CA ASN A 509 4.72 10.30 19.61
C ASN A 509 5.34 10.09 18.22
N LYS A 510 4.80 10.76 17.21
CA LYS A 510 5.29 10.59 15.85
C LYS A 510 6.79 10.83 15.70
N GLN A 511 7.36 11.72 16.51
CA GLN A 511 8.79 12.00 16.43
C GLN A 511 9.62 10.74 16.66
N ASN A 512 9.08 9.77 17.40
CA ASN A 512 9.78 8.50 17.64
C ASN A 512 10.11 7.80 16.32
N VAL A 513 9.19 7.90 15.37
CA VAL A 513 9.38 7.27 14.06
C VAL A 513 10.59 7.91 13.38
N PHE A 514 10.65 9.25 13.40
CA PHE A 514 11.75 9.94 12.78
C PHE A 514 13.08 9.66 13.50
N ASP A 515 13.04 9.56 14.83
CA ASP A 515 14.26 9.25 15.58
C ASP A 515 14.73 7.84 15.24
N ASP A 516 13.79 6.92 15.09
CA ASP A 516 14.13 5.54 14.71
C ASP A 516 14.85 5.50 13.34
N PHE A 517 14.39 6.30 12.39
CA PHE A 517 14.97 6.33 11.04
C PHE A 517 16.37 6.94 11.08
N ILE A 518 16.51 8.04 11.81
CA ILE A 518 17.81 8.71 11.93
C ILE A 518 18.83 7.74 12.54
N ALA A 519 18.39 6.98 13.53
CA ALA A 519 19.28 6.02 14.18
C ALA A 519 19.66 4.88 13.21
N ALA A 520 18.78 4.57 12.27
CA ALA A 520 19.09 3.51 11.31
C ALA A 520 20.23 4.00 10.41
N ALA A 521 20.16 5.26 10.00
CA ALA A 521 21.17 5.86 9.15
C ALA A 521 22.52 5.89 9.88
N GLU A 522 22.47 6.24 11.17
CA GLU A 522 23.68 6.30 11.97
C GLU A 522 24.30 4.91 12.14
N TYR A 523 23.45 3.89 12.26
CA TYR A 523 23.94 2.52 12.40
C TYR A 523 24.67 2.08 11.13
N LEU A 524 24.06 2.31 9.98
CA LEU A 524 24.65 1.92 8.70
C LEU A 524 26.02 2.58 8.48
N LYS A 525 26.18 3.82 8.94
CA LYS A 525 27.45 4.51 8.79
C LYS A 525 28.47 3.97 9.78
N ALA A 526 28.06 3.83 11.02
CA ALA A 526 28.95 3.34 12.07
C ALA A 526 29.47 1.93 11.79
N GLU A 527 28.63 1.09 11.20
CA GLU A 527 29.04 -0.28 10.91
C GLU A 527 29.87 -0.41 9.64
N GLY A 528 30.03 0.69 8.90
CA GLY A 528 30.85 0.65 7.70
C GLY A 528 30.17 0.27 6.40
N TYR A 529 28.85 0.16 6.38
CA TYR A 529 28.17 -0.17 5.13
C TYR A 529 28.25 1.02 4.18
N THR A 530 28.11 2.21 4.73
CA THR A 530 28.11 3.42 3.92
C THR A 530 28.65 4.64 4.68
N ARG A 531 28.48 5.81 4.10
CA ARG A 531 28.93 7.05 4.73
C ARG A 531 28.00 8.15 4.25
N THR A 532 28.02 9.28 4.95
CA THR A 532 27.14 10.40 4.59
C THR A 532 26.99 10.68 3.10
N ASP A 533 28.09 10.88 2.38
CA ASP A 533 27.96 11.18 0.95
C ASP A 533 27.62 9.99 0.04
N ARG A 534 27.41 8.82 0.62
CA ARG A 534 27.04 7.63 -0.14
C ARG A 534 25.68 7.08 0.34
N LEU A 535 24.96 7.91 1.10
CA LEU A 535 23.66 7.52 1.64
C LEU A 535 22.46 8.28 1.08
N ALA A 536 21.43 7.52 0.73
CA ALA A 536 20.18 8.09 0.23
C ALA A 536 19.05 7.51 1.10
N ILE A 537 18.03 8.32 1.37
CA ILE A 537 16.89 7.85 2.13
C ILE A 537 15.69 7.94 1.22
N ARG A 538 14.80 6.97 1.32
CA ARG A 538 13.62 6.91 0.49
C ARG A 538 12.39 6.40 1.26
N GLY A 539 11.21 6.82 0.81
CA GLY A 539 9.97 6.42 1.44
C GLY A 539 8.79 6.95 0.64
N GLY A 540 7.66 6.26 0.70
CA GLY A 540 6.48 6.70 -0.05
C GLY A 540 5.24 6.86 0.81
N SER A 541 4.42 7.87 0.51
CA SER A 541 3.18 8.15 1.24
C SER A 541 3.53 8.58 2.67
N ASN A 542 3.13 7.78 3.67
CA ASN A 542 3.49 8.11 5.04
C ASN A 542 5.03 8.05 5.09
N GLY A 543 5.58 7.24 4.19
CA GLY A 543 7.03 7.13 4.09
C GLY A 543 7.61 8.39 3.45
N GLY A 544 6.80 9.07 2.65
CA GLY A 544 7.25 10.31 2.04
C GLY A 544 7.35 11.38 3.11
N LEU A 545 6.41 11.32 4.06
CA LEU A 545 6.42 12.25 5.19
C LEU A 545 7.68 11.98 6.00
N LEU A 546 8.00 10.70 6.18
CA LEU A 546 9.19 10.30 6.93
C LEU A 546 10.43 10.98 6.35
N VAL A 547 10.62 10.88 5.04
CA VAL A 547 11.78 11.49 4.39
C VAL A 547 11.77 13.01 4.48
N GLY A 548 10.59 13.61 4.28
CA GLY A 548 10.48 15.06 4.35
C GLY A 548 10.84 15.59 5.72
N ALA A 549 10.39 14.89 6.76
CA ALA A 549 10.67 15.30 8.13
C ALA A 549 12.14 15.12 8.47
N VAL A 550 12.72 13.98 8.12
CA VAL A 550 14.12 13.74 8.41
C VAL A 550 15.06 14.70 7.65
N MET A 551 14.74 15.00 6.39
CA MET A 551 15.61 15.91 5.64
C MET A 551 15.51 17.36 6.11
N THR A 552 14.40 17.74 6.73
CA THR A 552 14.25 19.11 7.22
C THR A 552 14.85 19.24 8.62
N GLN A 553 14.89 18.12 9.34
CA GLN A 553 15.47 18.10 10.68
C GLN A 553 16.98 17.82 10.64
N ARG A 554 17.40 16.96 9.73
CA ARG A 554 18.82 16.60 9.63
C ARG A 554 19.27 16.64 8.17
N PRO A 555 19.32 17.84 7.57
CA PRO A 555 19.73 17.97 6.18
C PRO A 555 21.17 17.52 5.91
N ASP A 556 21.92 17.35 6.99
CA ASP A 556 23.33 16.95 6.95
C ASP A 556 23.53 15.43 7.03
N LEU A 557 22.48 14.71 7.39
CA LEU A 557 22.54 13.26 7.56
C LEU A 557 22.78 12.43 6.30
N MET A 558 22.17 12.84 5.19
CA MET A 558 22.25 12.13 3.92
C MET A 558 22.66 12.98 2.73
N ARG A 559 23.00 12.31 1.64
CA ARG A 559 23.40 12.97 0.40
C ARG A 559 22.21 13.17 -0.54
N VAL A 560 21.28 12.22 -0.50
CA VAL A 560 20.10 12.24 -1.37
C VAL A 560 18.82 11.90 -0.60
N ALA A 561 17.75 12.64 -0.89
CA ALA A 561 16.45 12.43 -0.25
C ALA A 561 15.43 12.13 -1.35
N LEU A 562 14.67 11.05 -1.19
CA LEU A 562 13.69 10.66 -2.19
C LEU A 562 12.29 10.47 -1.61
N PRO A 563 11.56 11.59 -1.39
CA PRO A 563 10.20 11.48 -0.83
C PRO A 563 9.18 11.22 -1.95
N ALA A 564 8.51 10.08 -1.91
CA ALA A 564 7.52 9.75 -2.95
C ALA A 564 6.09 9.93 -2.44
N VAL A 565 5.25 10.54 -3.28
CA VAL A 565 3.84 10.80 -2.97
C VAL A 565 3.60 11.03 -1.48
N GLY A 566 4.42 11.90 -0.90
CA GLY A 566 4.33 12.14 0.53
C GLY A 566 3.30 13.12 1.05
N VAL A 567 2.95 12.93 2.31
CA VAL A 567 2.03 13.82 3.01
C VAL A 567 3.05 14.81 3.55
N LEU A 568 3.08 16.02 3.02
CA LEU A 568 4.08 17.00 3.45
C LEU A 568 3.55 18.25 4.15
N ASP A 569 2.28 18.58 3.94
CA ASP A 569 1.68 19.73 4.63
C ASP A 569 0.82 19.12 5.74
N MET A 570 1.41 18.95 6.91
CA MET A 570 0.72 18.34 8.04
C MET A 570 -0.37 19.22 8.65
N LEU A 571 -0.41 20.49 8.28
CA LEU A 571 -1.43 21.38 8.83
C LEU A 571 -2.74 21.35 8.04
N ARG A 572 -2.68 20.98 6.76
CA ARG A 572 -3.87 20.95 5.94
C ARG A 572 -4.17 19.60 5.27
N TYR A 573 -3.41 18.56 5.61
CA TYR A 573 -3.61 17.26 4.98
C TYR A 573 -5.04 16.71 5.13
N HIS A 574 -5.67 16.99 6.26
CA HIS A 574 -7.01 16.52 6.54
C HIS A 574 -8.11 17.22 5.75
N THR A 575 -7.76 18.24 4.98
CA THR A 575 -8.77 18.98 4.20
C THR A 575 -8.99 18.42 2.80
N PHE A 576 -8.24 17.38 2.42
CA PHE A 576 -8.37 16.79 1.09
C PHE A 576 -8.91 15.36 1.08
N THR A 577 -9.58 15.01 -0.02
CA THR A 577 -10.18 13.69 -0.25
C THR A 577 -10.54 12.95 1.04
N ALA A 578 -9.86 11.84 1.35
CA ALA A 578 -10.17 11.10 2.56
C ALA A 578 -9.04 11.18 3.59
N GLY A 579 -8.21 12.21 3.46
CA GLY A 579 -7.10 12.41 4.37
C GLY A 579 -7.45 12.41 5.84
N THR A 580 -8.65 12.89 6.19
CA THR A 580 -9.07 12.92 7.59
C THR A 580 -9.08 11.51 8.19
N GLY A 581 -9.14 10.50 7.33
CA GLY A 581 -9.13 9.14 7.82
C GLY A 581 -7.80 8.76 8.46
N TRP A 582 -6.79 9.62 8.31
CA TRP A 582 -5.47 9.37 8.88
C TRP A 582 -5.27 10.07 10.22
N ALA A 583 -6.33 10.69 10.75
CA ALA A 583 -6.23 11.42 12.01
C ALA A 583 -5.86 10.53 13.20
N TYR A 584 -6.22 9.25 13.14
CA TYR A 584 -5.87 8.35 14.24
C TYR A 584 -4.34 8.29 14.38
N ASP A 585 -3.65 8.28 13.24
CA ASP A 585 -2.19 8.23 13.21
C ASP A 585 -1.50 9.57 13.40
N TYR A 586 -2.00 10.62 12.76
CA TYR A 586 -1.37 11.93 12.84
C TYR A 586 -1.96 12.96 13.80
N GLY A 587 -3.28 12.90 14.00
CA GLY A 587 -3.95 13.90 14.82
C GLY A 587 -4.17 15.01 13.80
N THR A 588 -4.95 16.04 14.10
CA THR A 588 -5.13 17.13 13.13
C THR A 588 -4.84 18.45 13.82
N SER A 589 -4.58 19.48 13.02
CA SER A 589 -4.27 20.81 13.53
C SER A 589 -5.46 21.45 14.21
N ALA A 590 -6.62 20.82 14.10
CA ALA A 590 -7.86 21.32 14.70
C ALA A 590 -8.19 20.65 16.03
N ASP A 591 -7.41 19.64 16.42
CA ASP A 591 -7.64 18.90 17.66
C ASP A 591 -7.39 19.74 18.92
N SER A 592 -6.32 20.51 18.91
CA SER A 592 -5.96 21.33 20.06
C SER A 592 -4.69 22.10 19.75
N GLU A 593 -4.35 23.04 20.62
CA GLU A 593 -3.14 23.84 20.44
C GLU A 593 -1.92 22.93 20.59
N ALA A 594 -2.02 21.94 21.47
CA ALA A 594 -0.92 20.99 21.67
C ALA A 594 -0.67 20.19 20.39
N MET A 595 -1.72 19.66 19.79
CA MET A 595 -1.57 18.87 18.57
C MET A 595 -1.11 19.79 17.42
N PHE A 596 -1.65 21.00 17.37
CA PHE A 596 -1.26 21.96 16.33
C PHE A 596 0.23 22.27 16.44
N ASP A 597 0.71 22.56 17.66
CA ASP A 597 2.12 22.86 17.84
C ASP A 597 3.01 21.67 17.48
N TYR A 598 2.58 20.48 17.87
CA TYR A 598 3.37 19.28 17.59
C TYR A 598 3.47 19.09 16.07
N LEU A 599 2.34 19.17 15.38
CA LEU A 599 2.32 19.01 13.93
C LEU A 599 3.17 20.06 13.24
N LYS A 600 2.98 21.32 13.63
CA LYS A 600 3.74 22.40 13.02
C LYS A 600 5.22 22.20 13.31
N GLY A 601 5.51 21.57 14.45
CA GLY A 601 6.89 21.32 14.85
C GLY A 601 7.67 20.41 13.93
N TYR A 602 7.00 19.51 13.19
CA TYR A 602 7.73 18.63 12.29
C TYR A 602 7.25 18.66 10.84
N SER A 603 6.09 19.27 10.60
CA SER A 603 5.53 19.37 9.23
C SER A 603 6.65 19.77 8.27
N PRO A 604 7.00 18.88 7.33
CA PRO A 604 8.08 19.19 6.38
C PRO A 604 7.91 20.55 5.69
N LEU A 605 6.72 20.82 5.15
CA LEU A 605 6.47 22.08 4.47
C LEU A 605 6.79 23.30 5.34
N HIS A 606 6.49 23.21 6.63
CA HIS A 606 6.70 24.34 7.52
C HIS A 606 8.04 24.34 8.23
N ASN A 607 8.91 23.41 7.86
CA ASN A 607 10.21 23.35 8.49
C ASN A 607 11.38 23.49 7.52
N VAL A 608 11.08 23.94 6.30
CA VAL A 608 12.11 24.20 5.33
C VAL A 608 12.52 25.62 5.70
N ARG A 609 13.82 25.90 5.80
CA ARG A 609 14.25 27.23 6.17
C ARG A 609 15.23 27.86 5.20
N PRO A 610 15.07 29.15 4.92
CA PRO A 610 15.97 29.84 4.00
C PRO A 610 17.40 29.82 4.55
N GLY A 611 18.38 29.71 3.65
CA GLY A 611 19.76 29.69 4.08
C GLY A 611 20.31 28.33 4.46
N VAL A 612 19.46 27.31 4.44
CA VAL A 612 19.91 25.96 4.78
C VAL A 612 20.34 25.24 3.51
N SER A 613 21.36 24.40 3.61
CA SER A 613 21.84 23.65 2.46
C SER A 613 21.26 22.24 2.51
N TYR A 614 20.23 21.99 1.71
CA TYR A 614 19.59 20.67 1.70
C TYR A 614 20.28 19.65 0.81
N PRO A 615 20.06 18.35 1.07
CA PRO A 615 20.68 17.32 0.24
C PRO A 615 20.02 17.35 -1.14
N SER A 616 20.63 16.68 -2.11
CA SER A 616 20.06 16.58 -3.46
C SER A 616 18.72 15.90 -3.22
N THR A 617 17.66 16.46 -3.78
CA THR A 617 16.32 15.90 -3.58
C THR A 617 15.54 15.73 -4.88
N MET A 618 14.77 14.66 -4.97
CA MET A 618 13.93 14.43 -6.13
C MET A 618 12.58 14.02 -5.57
N VAL A 619 11.69 14.99 -5.51
CA VAL A 619 10.36 14.76 -5.01
C VAL A 619 9.56 14.10 -6.12
N THR A 620 8.86 13.01 -5.83
CA THR A 620 8.05 12.38 -6.87
C THR A 620 6.58 12.31 -6.48
N THR A 621 5.71 12.54 -7.47
CA THR A 621 4.27 12.46 -7.25
C THR A 621 3.61 12.14 -8.60
N ALA A 622 2.28 12.12 -8.63
CA ALA A 622 1.54 11.80 -9.86
C ALA A 622 0.29 12.66 -9.98
N ASP A 623 -0.07 13.06 -11.20
CA ASP A 623 -1.23 13.92 -11.39
C ASP A 623 -2.61 13.37 -11.04
N HIS A 624 -2.74 12.05 -10.88
CA HIS A 624 -4.04 11.48 -10.51
C HIS A 624 -4.02 10.85 -9.12
N ASP A 625 -3.04 11.24 -8.30
CA ASP A 625 -2.97 10.69 -6.96
C ASP A 625 -4.02 11.38 -6.08
N ASP A 626 -5.17 10.74 -5.92
CA ASP A 626 -6.25 11.28 -5.10
C ASP A 626 -6.21 10.70 -3.68
N ARG A 627 -5.22 9.85 -3.40
CA ARG A 627 -5.06 9.29 -2.06
C ARG A 627 -4.38 10.41 -1.26
N VAL A 628 -3.23 10.85 -1.75
CA VAL A 628 -2.45 11.95 -1.17
C VAL A 628 -2.31 12.97 -2.31
N VAL A 629 -3.10 14.04 -2.27
CA VAL A 629 -3.07 15.04 -3.35
C VAL A 629 -1.65 15.53 -3.64
N PRO A 630 -1.30 15.69 -4.92
CA PRO A 630 0.01 16.15 -5.40
C PRO A 630 0.41 17.53 -4.86
N ALA A 631 -0.58 18.30 -4.41
CA ALA A 631 -0.31 19.63 -3.86
C ALA A 631 0.70 19.57 -2.71
N HIS A 632 0.69 18.46 -1.96
CA HIS A 632 1.64 18.28 -0.85
C HIS A 632 3.06 18.42 -1.42
N SER A 633 3.36 17.57 -2.41
CA SER A 633 4.66 17.60 -3.07
C SER A 633 4.96 18.92 -3.79
N PHE A 634 3.96 19.48 -4.46
CA PHE A 634 4.12 20.75 -5.19
C PHE A 634 4.60 21.87 -4.25
N LYS A 635 3.83 22.10 -3.18
CA LYS A 635 4.19 23.14 -2.22
C LYS A 635 5.52 22.89 -1.54
N PHE A 636 5.84 21.63 -1.26
CA PHE A 636 7.11 21.30 -0.62
C PHE A 636 8.27 21.59 -1.57
N ALA A 637 8.15 21.13 -2.82
CA ALA A 637 9.19 21.36 -3.81
C ALA A 637 9.41 22.86 -4.04
N ALA A 638 8.31 23.60 -4.14
CA ALA A 638 8.37 25.04 -4.35
C ALA A 638 9.13 25.72 -3.22
N THR A 639 8.88 25.25 -2.00
CA THR A 639 9.53 25.83 -0.83
C THR A 639 11.02 25.51 -0.80
N LEU A 640 11.38 24.27 -1.15
CA LEU A 640 12.79 23.87 -1.19
C LEU A 640 13.54 24.66 -2.26
N GLN A 641 12.93 24.87 -3.42
CA GLN A 641 13.59 25.60 -4.48
C GLN A 641 13.80 27.07 -4.13
N ALA A 642 12.91 27.62 -3.32
CA ALA A 642 13.01 29.01 -2.91
C ALA A 642 13.98 29.20 -1.74
N ASP A 643 13.98 28.26 -0.80
CA ASP A 643 14.81 28.34 0.39
C ASP A 643 16.21 27.72 0.35
N ASN A 644 16.39 26.61 -0.35
CA ASN A 644 17.71 25.98 -0.40
C ASN A 644 18.79 26.97 -0.77
N ALA A 645 19.87 26.99 0.01
CA ALA A 645 20.97 27.90 -0.23
C ALA A 645 22.22 27.16 -0.71
N GLY A 646 22.15 25.84 -0.72
CA GLY A 646 23.28 25.05 -1.15
C GLY A 646 23.35 24.83 -2.65
N PRO A 647 24.32 24.03 -3.13
CA PRO A 647 24.50 23.75 -4.56
C PRO A 647 23.72 22.54 -5.08
N HIS A 648 23.07 21.80 -4.20
CA HIS A 648 22.33 20.61 -4.60
C HIS A 648 20.95 20.89 -5.18
N PRO A 649 20.58 20.18 -6.25
CA PRO A 649 19.29 20.35 -6.91
C PRO A 649 18.10 19.86 -6.09
N GLN A 650 17.00 20.60 -6.19
CA GLN A 650 15.76 20.28 -5.49
C GLN A 650 14.74 20.12 -6.62
N LEU A 651 14.57 18.89 -7.09
CA LEU A 651 13.68 18.64 -8.20
C LEU A 651 12.37 17.93 -7.86
N ILE A 652 11.39 18.08 -8.74
CA ILE A 652 10.12 17.38 -8.57
C ILE A 652 9.80 16.74 -9.91
N ARG A 653 9.43 15.47 -9.85
CA ARG A 653 9.07 14.67 -11.02
C ARG A 653 7.60 14.31 -10.87
N ILE A 654 6.75 14.85 -11.75
CA ILE A 654 5.32 14.55 -11.68
C ILE A 654 4.93 13.55 -12.75
N GLU A 655 4.61 12.33 -12.35
CA GLU A 655 4.19 11.31 -13.29
C GLU A 655 2.81 11.65 -13.85
N THR A 656 2.62 11.46 -15.14
CA THR A 656 1.34 11.75 -15.77
C THR A 656 0.51 10.47 -15.95
N ASN A 657 -0.81 10.59 -15.80
CA ASN A 657 -1.71 9.45 -15.93
C ASN A 657 -1.38 8.29 -14.98
N ALA A 658 -1.03 8.64 -13.75
CA ALA A 658 -0.70 7.66 -12.72
C ALA A 658 -1.25 8.19 -11.40
N GLY A 659 -1.37 7.29 -10.43
CA GLY A 659 -1.90 7.68 -9.13
C GLY A 659 -0.94 7.43 -7.98
N HIS A 660 -1.50 7.06 -6.83
CA HIS A 660 -0.71 6.82 -5.64
C HIS A 660 0.35 5.73 -5.84
N GLY A 661 0.06 4.76 -6.70
CA GLY A 661 1.02 3.70 -6.95
C GLY A 661 0.44 2.41 -7.48
N ALA A 662 -0.64 1.94 -6.86
CA ALA A 662 -1.26 0.69 -7.27
C ALA A 662 -1.69 0.69 -8.74
N GLY A 663 -1.41 -0.39 -9.45
CA GLY A 663 -1.81 -0.47 -10.84
C GLY A 663 -0.98 0.30 -11.85
N THR A 664 0.20 0.80 -11.45
CA THR A 664 1.05 1.54 -12.38
C THR A 664 1.61 0.56 -13.40
N PRO A 665 1.50 0.87 -14.70
CA PRO A 665 2.02 -0.04 -15.73
C PRO A 665 3.54 -0.24 -15.62
N VAL A 666 4.00 -1.43 -16.00
CA VAL A 666 5.40 -1.79 -15.96
C VAL A 666 6.33 -0.76 -16.64
N ALA A 667 5.90 -0.23 -17.78
CA ALA A 667 6.71 0.76 -18.48
C ALA A 667 7.02 1.98 -17.61
N LYS A 668 6.02 2.46 -16.86
CA LYS A 668 6.23 3.62 -15.98
C LYS A 668 7.10 3.26 -14.79
N LEU A 669 6.90 2.06 -14.24
CA LEU A 669 7.71 1.62 -13.11
C LEU A 669 9.18 1.58 -13.52
N ILE A 670 9.48 1.05 -14.70
CA ILE A 670 10.86 0.98 -15.17
C ILE A 670 11.46 2.39 -15.34
N GLU A 671 10.70 3.32 -15.92
CA GLU A 671 11.18 4.70 -16.12
C GLU A 671 11.45 5.42 -14.79
N GLN A 672 10.55 5.25 -13.83
CA GLN A 672 10.70 5.85 -12.51
C GLN A 672 11.95 5.35 -11.81
N SER A 673 12.12 4.02 -11.75
CA SER A 673 13.31 3.45 -11.11
C SER A 673 14.60 3.92 -11.77
N ALA A 674 14.62 3.93 -13.10
CA ALA A 674 15.80 4.36 -13.84
C ALA A 674 16.14 5.80 -13.48
N ASP A 675 15.14 6.67 -13.46
CA ASP A 675 15.36 8.07 -13.12
C ASP A 675 15.86 8.23 -11.70
N ILE A 676 15.25 7.49 -10.77
CA ILE A 676 15.64 7.54 -9.37
C ILE A 676 17.04 7.00 -9.12
N TYR A 677 17.39 5.85 -9.68
CA TYR A 677 18.73 5.31 -9.44
C TYR A 677 19.81 6.15 -10.15
N ALA A 678 19.52 6.64 -11.34
CA ALA A 678 20.49 7.47 -12.08
C ALA A 678 20.73 8.77 -11.30
N PHE A 679 19.66 9.39 -10.84
CA PHE A 679 19.78 10.63 -10.08
C PHE A 679 20.60 10.37 -8.81
N THR A 680 20.27 9.30 -8.11
CA THR A 680 20.97 8.97 -6.86
C THR A 680 22.48 8.79 -7.03
N LEU A 681 22.90 8.01 -8.02
CA LEU A 681 24.32 7.77 -8.25
C LEU A 681 25.03 9.03 -8.73
N TYR A 682 24.36 9.78 -9.61
CA TYR A 682 24.91 11.01 -10.14
C TYR A 682 25.12 12.02 -9.01
N GLU A 683 24.14 12.15 -8.13
CA GLU A 683 24.26 13.07 -7.01
C GLU A 683 25.32 12.63 -6.01
N MET A 684 25.68 11.33 -6.06
CA MET A 684 26.72 10.81 -5.18
C MET A 684 28.10 10.97 -5.84
N GLY A 685 28.12 11.60 -7.01
CA GLY A 685 29.37 11.85 -7.71
C GLY A 685 29.93 10.78 -8.63
N TYR A 686 29.15 9.77 -8.96
CA TYR A 686 29.65 8.72 -9.86
C TYR A 686 29.68 9.20 -11.31
N ARG A 687 30.84 9.07 -11.94
CA ARG A 687 31.01 9.47 -13.33
C ARG A 687 30.63 8.29 -14.23
N GLU A 688 30.83 7.09 -13.70
CA GLU A 688 30.49 5.85 -14.40
C GLU A 688 29.78 4.96 -13.39
N LEU A 689 29.11 3.92 -13.88
CA LEU A 689 28.42 2.99 -13.00
C LEU A 689 29.46 2.24 -12.17
N PRO A 690 29.18 1.97 -10.89
CA PRO A 690 30.11 1.26 -10.01
C PRO A 690 30.41 -0.16 -10.52
N ARG A 691 29.42 -0.79 -11.14
CA ARG A 691 29.57 -2.15 -11.68
C ARG A 691 29.07 -2.22 -13.12
N GLN A 692 29.56 -3.21 -13.85
CA GLN A 692 29.14 -3.41 -15.24
C GLN A 692 27.64 -3.71 -15.25
N PRO A 693 26.84 -2.92 -16.01
CA PRO A 693 25.39 -3.15 -16.08
C PRO A 693 25.01 -4.43 -16.84
#